data_9R0U
#
_entry.id   9R0U
#
_cell.length_a   46.591
_cell.length_b   67.125
_cell.length_c   80.460
_cell.angle_alpha   81.54
_cell.angle_beta   84.30
_cell.angle_gamma   86.47
#
_symmetry.space_group_name_H-M   'P 1'
#
loop_
_entity.id
_entity.type
_entity.pdbx_description
1 polymer 'Carbonic anhydrase 12'
2 non-polymer 'ZINC ION'
3 non-polymer 3-(Cyclooctylamino)-5-ethoxy-2,6-difluoro-4-((3-hydroxypropyl)sulfonyl)benzenesulfonamide
4 water water
#
_entity_poly.entity_id   1
_entity_poly.type   'polypeptide(L)'
_entity_poly.pdbx_seq_one_letter_code
;ASKWTYFGPDGENSWSKKYPSCGGLLQSPIDLHSDILQYDASLTPLEFQGYNLSANKQFLLTNNGHSVKLNLPSDMHIQG
LQSRYSATQLHLHWGNPNDPHGSEHTVSGQHFAAELHIVHYNSDLYPDASTASNKSEGLAVLAVLIEMGSFNPSYDKIFS
HLQHVKYKGQEAFVPGFNIEELLPERTAEYYRYRGSLTTPPCNPTVLWTVFRNPVQISQEQLLALETALYCTHMDDPSPR
EMINNFRQVQKFDERLVYTSFSQ
;
_entity_poly.pdbx_strand_id   A,B,C,D
#
# COMPACT_ATOMS: atom_id res chain seq x y z
N LYS A 3 18.59 -32.95 14.87
CA LYS A 3 17.76 -33.33 13.69
C LYS A 3 17.72 -32.19 12.68
N TRP A 4 17.56 -30.91 13.09
CA TRP A 4 17.74 -29.77 12.19
C TRP A 4 18.49 -28.62 12.87
N THR A 5 19.21 -27.86 12.04
CA THR A 5 19.98 -26.71 12.52
C THR A 5 19.94 -25.59 11.48
N TYR A 6 20.70 -24.51 11.72
CA TYR A 6 20.89 -23.43 10.75
C TYR A 6 22.30 -23.43 10.12
N PHE A 7 23.14 -24.43 10.37
CA PHE A 7 24.53 -24.40 9.97
C PHE A 7 25.02 -25.83 9.84
N GLY A 8 25.62 -26.16 8.70
CA GLY A 8 26.29 -27.43 8.52
C GLY A 8 25.37 -28.43 7.84
N PRO A 9 25.64 -29.75 7.97
CA PRO A 9 24.86 -30.76 7.22
C PRO A 9 23.36 -30.83 7.49
N ASP A 10 22.89 -30.37 8.66
CA ASP A 10 21.47 -30.36 8.99
C ASP A 10 20.86 -28.97 8.79
N GLY A 11 21.62 -28.08 8.11
CA GLY A 11 21.21 -26.73 7.84
C GLY A 11 20.14 -26.64 6.74
N GLU A 12 19.81 -25.41 6.38
CA GLU A 12 18.55 -25.18 5.69
C GLU A 12 18.47 -25.76 4.28
N ASN A 13 19.59 -25.92 3.57
CA ASN A 13 19.53 -26.53 2.25
C ASN A 13 19.24 -28.03 2.32
N SER A 14 19.33 -28.59 3.52
CA SER A 14 19.09 -30.01 3.79
C SER A 14 17.74 -30.27 4.46
N TRP A 15 17.04 -29.25 4.94
CA TRP A 15 15.78 -29.49 5.65
C TRP A 15 14.83 -30.35 4.85
N SER A 16 14.79 -30.16 3.53
CA SER A 16 13.87 -30.89 2.67
C SER A 16 14.12 -32.40 2.71
N LYS A 17 15.33 -32.86 3.05
CA LYS A 17 15.63 -34.27 3.09
C LYS A 17 14.93 -34.95 4.29
N LYS A 18 14.57 -34.21 5.34
CA LYS A 18 13.85 -34.74 6.50
C LYS A 18 12.40 -34.26 6.59
N TYR A 19 12.10 -33.12 6.00
CA TYR A 19 10.86 -32.36 6.16
C TYR A 19 10.39 -31.91 4.78
N PRO A 20 9.63 -32.74 4.06
CA PRO A 20 9.39 -32.48 2.65
C PRO A 20 8.78 -31.11 2.35
N SER A 21 7.95 -30.59 3.27
CA SER A 21 7.34 -29.29 2.97
C SER A 21 8.37 -28.16 2.85
N CYS A 22 9.60 -28.36 3.37
CA CYS A 22 10.60 -27.30 3.30
C CYS A 22 11.09 -27.09 1.85
N GLY A 23 10.80 -28.05 0.97
CA GLY A 23 11.05 -27.95 -0.46
C GLY A 23 9.79 -27.69 -1.29
N GLY A 24 8.68 -27.44 -0.59
CA GLY A 24 7.39 -27.32 -1.26
C GLY A 24 7.03 -25.86 -1.52
N LEU A 25 5.72 -25.66 -1.72
CA LEU A 25 5.17 -24.36 -2.06
C LEU A 25 5.07 -23.45 -0.83
N LEU A 26 4.90 -22.14 -1.12
CA LEU A 26 4.47 -21.11 -0.18
C LEU A 26 5.47 -20.90 0.94
N GLN A 27 6.75 -21.03 0.64
CA GLN A 27 7.73 -20.95 1.70
C GLN A 27 8.08 -19.52 2.07
N SER A 28 8.34 -19.34 3.37
CA SER A 28 8.74 -18.10 4.00
C SER A 28 10.16 -18.27 4.56
N PRO A 29 10.90 -17.19 4.85
CA PRO A 29 10.55 -15.79 4.64
C PRO A 29 10.87 -15.35 3.22
N ILE A 30 10.56 -14.06 2.97
CA ILE A 30 10.73 -13.48 1.64
C ILE A 30 11.26 -12.07 1.78
N ASP A 31 11.77 -11.57 0.65
CA ASP A 31 12.16 -10.18 0.50
C ASP A 31 10.94 -9.36 0.07
N LEU A 32 10.62 -8.36 0.88
CA LEU A 32 9.49 -7.47 0.64
C LEU A 32 10.02 -6.31 -0.19
N HIS A 33 9.70 -6.31 -1.49
CA HIS A 33 10.22 -5.32 -2.43
C HIS A 33 9.14 -4.96 -3.43
N SER A 34 9.26 -3.78 -4.03
CA SER A 34 8.18 -3.10 -4.74
C SER A 34 7.57 -3.98 -5.83
N ASP A 35 8.38 -4.75 -6.56
CA ASP A 35 7.87 -5.50 -7.70
C ASP A 35 6.81 -6.52 -7.33
N ILE A 36 6.78 -6.97 -6.07
CA ILE A 36 5.82 -7.99 -5.64
C ILE A 36 4.81 -7.47 -4.60
N LEU A 37 4.71 -6.14 -4.40
CA LEU A 37 3.80 -5.54 -3.44
C LEU A 37 2.60 -4.99 -4.18
N GLN A 38 1.46 -5.07 -3.53
CA GLN A 38 0.25 -4.41 -4.01
C GLN A 38 -0.57 -3.88 -2.84
N TYR A 39 -0.91 -2.60 -2.90
CA TYR A 39 -1.73 -1.98 -1.88
C TYR A 39 -3.11 -2.62 -1.95
N ASP A 40 -3.64 -3.00 -0.77
CA ASP A 40 -4.98 -3.55 -0.60
C ASP A 40 -5.68 -2.74 0.48
N ALA A 41 -6.52 -1.81 0.05
CA ALA A 41 -7.21 -0.93 0.96
C ALA A 41 -8.22 -1.63 1.87
N SER A 42 -8.54 -2.88 1.57
CA SER A 42 -9.48 -3.61 2.40
C SER A 42 -8.81 -4.12 3.68
N LEU A 43 -7.47 -4.08 3.78
CA LEU A 43 -6.76 -4.58 4.96
C LEU A 43 -6.92 -3.62 6.15
N THR A 44 -7.65 -4.08 7.14
CA THR A 44 -8.03 -3.25 8.26
C THR A 44 -7.09 -3.53 9.42
N PRO A 45 -7.07 -2.64 10.43
CA PRO A 45 -6.16 -2.84 11.56
C PRO A 45 -6.59 -4.11 12.29
N LEU A 46 -5.59 -4.93 12.66
CA LEU A 46 -5.86 -6.01 13.60
C LEU A 46 -6.12 -5.40 14.97
N GLU A 47 -6.84 -6.14 15.79
CA GLU A 47 -6.93 -5.80 17.21
C GLU A 47 -6.28 -6.91 18.03
N PHE A 48 -5.48 -6.48 19.01
CA PHE A 48 -4.73 -7.38 19.87
C PHE A 48 -5.41 -7.41 21.23
N GLN A 49 -6.17 -8.49 21.49
CA GLN A 49 -7.07 -8.60 22.62
C GLN A 49 -6.42 -9.53 23.65
N GLY A 50 -6.48 -9.13 24.92
CA GLY A 50 -5.93 -9.96 25.97
C GLY A 50 -4.42 -9.91 26.07
N TYR A 51 -3.78 -8.98 25.33
CA TYR A 51 -2.30 -8.91 25.27
C TYR A 51 -1.69 -8.37 26.56
N ASN A 52 -2.51 -7.71 27.40
CA ASN A 52 -2.09 -7.16 28.67
C ASN A 52 -2.07 -8.27 29.72
N LEU A 53 -1.01 -9.07 29.71
CA LEU A 53 -0.95 -10.26 30.55
C LEU A 53 -0.84 -9.82 32.00
N SER A 54 -1.47 -10.58 32.89
CA SER A 54 -1.45 -10.23 34.29
C SER A 54 -0.04 -10.28 34.84
N ALA A 55 0.31 -9.18 35.50
CA ALA A 55 1.56 -9.06 36.23
C ALA A 55 1.67 -10.10 37.35
N ASN A 56 0.52 -10.64 37.79
CA ASN A 56 0.43 -11.60 38.89
C ASN A 56 0.64 -13.03 38.39
N LYS A 57 0.75 -13.20 37.07
CA LYS A 57 0.98 -14.49 36.45
C LYS A 57 2.44 -14.49 35.95
N GLN A 58 2.97 -15.70 35.70
CA GLN A 58 4.28 -15.88 35.10
C GLN A 58 4.14 -16.79 33.88
N PHE A 59 5.01 -16.55 32.90
CA PHE A 59 4.97 -17.25 31.64
C PHE A 59 6.33 -17.89 31.40
N LEU A 60 6.32 -19.09 30.81
CA LEU A 60 7.51 -19.91 30.73
C LEU A 60 8.38 -19.51 29.52
N LEU A 61 9.63 -19.18 29.80
CA LEU A 61 10.64 -18.88 28.78
C LEU A 61 11.59 -20.07 28.68
N THR A 62 11.77 -20.60 27.46
CA THR A 62 12.53 -21.82 27.25
C THR A 62 13.53 -21.62 26.14
N ASN A 63 14.76 -22.11 26.38
CA ASN A 63 15.74 -22.31 25.32
C ASN A 63 15.42 -23.69 24.73
N ASN A 64 14.89 -23.72 23.49
CA ASN A 64 14.50 -24.99 22.89
C ASN A 64 15.59 -25.57 21.97
N GLY A 65 16.81 -25.01 22.04
CA GLY A 65 17.91 -25.48 21.22
C GLY A 65 17.98 -24.80 19.86
N HIS A 66 16.91 -24.08 19.46
CA HIS A 66 16.84 -23.38 18.18
C HIS A 66 16.65 -21.88 18.35
N SER A 67 15.96 -21.46 19.40
CA SER A 67 15.67 -20.09 19.72
C SER A 67 15.33 -20.02 21.22
N VAL A 68 14.95 -18.83 21.66
CA VAL A 68 14.29 -18.68 22.94
C VAL A 68 12.82 -18.37 22.67
N LYS A 69 11.98 -19.14 23.34
CA LYS A 69 10.55 -18.98 23.18
C LYS A 69 9.85 -18.68 24.52
N LEU A 70 8.81 -17.86 24.43
CA LEU A 70 8.00 -17.55 25.59
C LEU A 70 6.62 -18.12 25.30
N ASN A 71 6.11 -18.95 26.22
CA ASN A 71 4.78 -19.48 26.09
C ASN A 71 3.77 -18.37 26.34
N LEU A 72 2.70 -18.35 25.53
CA LEU A 72 1.64 -17.37 25.66
C LEU A 72 0.32 -18.09 25.82
N PRO A 73 -0.63 -17.43 26.53
CA PRO A 73 -1.95 -18.03 26.77
C PRO A 73 -2.93 -17.80 25.62
N SER A 74 -3.90 -18.73 25.51
CA SER A 74 -4.93 -18.66 24.51
C SER A 74 -5.85 -17.45 24.73
N ASP A 75 -5.85 -16.88 25.98
CA ASP A 75 -6.49 -15.60 26.30
C ASP A 75 -6.20 -14.51 25.24
N MET A 76 -4.99 -14.58 24.66
CA MET A 76 -4.50 -13.60 23.70
C MET A 76 -5.13 -13.99 22.38
N HIS A 77 -5.74 -12.97 21.76
CA HIS A 77 -6.45 -13.14 20.48
C HIS A 77 -6.04 -12.06 19.48
N ILE A 78 -5.99 -12.43 18.18
CA ILE A 78 -6.04 -11.46 17.12
C ILE A 78 -7.49 -11.41 16.67
N GLN A 79 -8.06 -10.21 16.57
CA GLN A 79 -9.36 -9.99 15.94
C GLN A 79 -9.13 -9.22 14.64
N GLY A 80 -9.88 -9.58 13.60
CA GLY A 80 -9.89 -8.85 12.34
C GLY A 80 -9.75 -9.77 11.13
N LEU A 81 -9.35 -11.03 11.34
CA LEU A 81 -9.25 -12.03 10.28
C LEU A 81 -10.55 -12.82 10.18
N GLN A 82 -10.68 -13.75 9.22
CA GLN A 82 -11.91 -14.52 9.00
C GLN A 82 -12.24 -15.39 10.21
N SER A 83 -11.20 -15.95 10.84
CA SER A 83 -11.27 -16.70 12.08
C SER A 83 -10.57 -15.87 13.15
N ARG A 84 -10.95 -16.07 14.43
CA ARG A 84 -10.12 -15.66 15.54
C ARG A 84 -8.90 -16.56 15.64
N TYR A 85 -7.74 -15.94 15.85
CA TYR A 85 -6.52 -16.68 16.14
C TYR A 85 -6.08 -16.37 17.56
N SER A 86 -5.61 -17.40 18.25
CA SER A 86 -5.24 -17.28 19.65
C SER A 86 -3.74 -17.54 19.78
N ALA A 87 -3.09 -16.83 20.68
CA ALA A 87 -1.65 -16.98 20.84
C ALA A 87 -1.27 -18.37 21.38
N THR A 88 -0.04 -18.79 20.96
CA THR A 88 0.61 -19.95 21.51
C THR A 88 2.00 -19.62 22.07
N GLN A 89 2.82 -18.84 21.37
CA GLN A 89 4.16 -18.56 21.84
C GLN A 89 4.72 -17.41 21.01
N LEU A 90 5.80 -16.81 21.53
CA LEU A 90 6.63 -15.92 20.72
C LEU A 90 8.08 -16.39 20.80
N HIS A 91 8.87 -15.98 19.80
CA HIS A 91 10.29 -16.33 19.73
C HIS A 91 11.00 -15.31 18.85
N LEU A 92 12.35 -15.42 18.76
CA LEU A 92 13.14 -14.47 18.00
C LEU A 92 14.11 -15.19 17.08
N HIS A 93 14.63 -14.41 16.12
CA HIS A 93 15.66 -14.82 15.17
C HIS A 93 16.70 -13.70 15.10
N TRP A 94 17.97 -14.06 15.02
CA TRP A 94 19.05 -13.07 15.03
C TRP A 94 20.31 -13.59 14.33
N GLY A 95 21.29 -12.68 14.17
CA GLY A 95 22.51 -12.98 13.47
C GLY A 95 23.67 -13.28 14.41
N ASN A 96 24.76 -12.51 14.28
CA ASN A 96 25.92 -12.72 15.14
C ASN A 96 26.69 -11.42 15.25
N PRO A 97 27.58 -11.27 16.26
CA PRO A 97 28.24 -9.99 16.47
C PRO A 97 29.05 -9.44 15.31
N ASN A 98 29.61 -10.33 14.49
CA ASN A 98 30.40 -9.89 13.34
C ASN A 98 29.54 -9.49 12.15
N ASP A 99 28.26 -9.88 12.16
CA ASP A 99 27.35 -9.57 11.07
C ASP A 99 25.96 -9.53 11.66
N PRO A 100 25.64 -8.41 12.36
CA PRO A 100 24.43 -8.36 13.19
C PRO A 100 23.19 -8.00 12.38
N HIS A 101 22.84 -8.87 11.45
CA HIS A 101 21.77 -8.62 10.48
C HIS A 101 20.99 -9.91 10.23
N GLY A 102 20.26 -10.35 11.24
CA GLY A 102 19.64 -11.67 11.27
C GLY A 102 18.10 -11.70 11.32
N SER A 103 17.45 -10.67 10.77
CA SER A 103 16.02 -10.82 10.52
C SER A 103 15.78 -11.91 9.49
N GLU A 104 14.56 -12.43 9.45
CA GLU A 104 14.15 -13.41 8.46
C GLU A 104 13.64 -12.72 7.21
N HIS A 105 12.58 -11.89 7.38
CA HIS A 105 12.17 -11.05 6.27
C HIS A 105 13.20 -9.95 6.01
N THR A 106 13.26 -9.54 4.76
CA THR A 106 14.06 -8.40 4.34
C THR A 106 13.13 -7.39 3.67
N VAL A 107 13.53 -6.12 3.68
CA VAL A 107 12.76 -5.07 3.05
C VAL A 107 13.69 -4.39 2.04
N SER A 108 13.34 -4.44 0.76
CA SER A 108 14.17 -3.88 -0.28
C SER A 108 15.59 -4.40 -0.16
N GLY A 109 15.70 -5.71 0.13
CA GLY A 109 16.96 -6.40 0.18
C GLY A 109 17.72 -6.28 1.49
N GLN A 110 17.24 -5.46 2.42
CA GLN A 110 17.95 -5.21 3.66
C GLN A 110 17.44 -6.08 4.80
N HIS A 111 18.37 -6.75 5.47
CA HIS A 111 18.08 -7.37 6.75
C HIS A 111 18.02 -6.30 7.80
N PHE A 112 17.19 -6.58 8.78
CA PHE A 112 17.25 -5.91 10.05
C PHE A 112 18.08 -6.73 11.03
N ALA A 113 18.36 -6.19 12.21
CA ALA A 113 19.20 -6.87 13.18
C ALA A 113 18.63 -8.22 13.62
N ALA A 114 17.31 -8.25 13.85
CA ALA A 114 16.64 -9.42 14.42
C ALA A 114 15.16 -9.34 14.04
N GLU A 115 14.38 -10.36 14.46
CA GLU A 115 12.97 -10.39 14.17
C GLU A 115 12.30 -11.13 15.31
N LEU A 116 11.12 -10.60 15.74
CA LEU A 116 10.25 -11.23 16.73
C LEU A 116 9.01 -11.78 16.04
N HIS A 117 8.67 -13.02 16.38
CA HIS A 117 7.44 -13.65 15.87
C HIS A 117 6.51 -14.03 17.00
N ILE A 118 5.24 -13.60 16.88
CA ILE A 118 4.19 -13.98 17.81
C ILE A 118 3.28 -14.94 17.05
N VAL A 119 3.33 -16.21 17.47
CA VAL A 119 2.64 -17.26 16.74
C VAL A 119 1.24 -17.47 17.35
N HIS A 120 0.25 -17.52 16.47
CA HIS A 120 -1.14 -17.78 16.81
C HIS A 120 -1.67 -18.95 15.98
N TYR A 121 -2.76 -19.56 16.45
CA TYR A 121 -3.44 -20.66 15.76
C TYR A 121 -4.94 -20.35 15.65
N ASN A 122 -5.55 -20.93 14.65
CA ASN A 122 -6.97 -20.77 14.38
C ASN A 122 -7.77 -21.57 15.40
N SER A 123 -8.09 -20.88 16.49
CA SER A 123 -8.86 -21.49 17.59
C SER A 123 -10.35 -21.61 17.24
N ASP A 124 -10.87 -20.92 16.26
CA ASP A 124 -12.30 -21.17 15.89
C ASP A 124 -12.39 -22.56 15.26
N LEU A 125 -11.41 -22.99 14.50
CA LEU A 125 -11.50 -24.24 13.74
C LEU A 125 -10.75 -25.39 14.43
N TYR A 126 -9.70 -25.11 15.23
CA TYR A 126 -8.87 -26.19 15.74
C TYR A 126 -8.77 -26.13 17.25
N PRO A 127 -8.65 -27.28 17.94
CA PRO A 127 -8.54 -27.31 19.41
C PRO A 127 -7.29 -26.65 19.99
N ASP A 128 -6.13 -26.89 19.34
CA ASP A 128 -4.85 -26.39 19.83
C ASP A 128 -3.91 -26.10 18.67
N ALA A 129 -2.71 -25.56 18.96
CA ALA A 129 -1.80 -25.12 17.91
C ALA A 129 -1.19 -26.30 17.16
N SER A 130 -0.89 -27.40 17.84
CA SER A 130 -0.30 -28.55 17.17
C SER A 130 -1.26 -29.12 16.11
N THR A 131 -2.55 -29.23 16.44
CA THR A 131 -3.57 -29.73 15.52
C THR A 131 -3.74 -28.80 14.33
N ALA A 132 -3.70 -27.47 14.58
CA ALA A 132 -3.89 -26.47 13.56
C ALA A 132 -2.71 -26.41 12.59
N SER A 133 -1.53 -26.85 13.02
CA SER A 133 -0.28 -26.44 12.39
C SER A 133 -0.14 -26.99 10.98
N ASN A 134 -0.80 -28.12 10.68
CA ASN A 134 -0.71 -28.71 9.33
C ASN A 134 -2.05 -28.61 8.60
N LYS A 135 -2.94 -27.70 9.00
CA LYS A 135 -4.31 -27.71 8.50
C LYS A 135 -4.61 -26.36 7.85
N SER A 136 -5.62 -26.37 6.98
CA SER A 136 -6.04 -25.19 6.25
C SER A 136 -6.30 -24.03 7.22
N GLU A 137 -5.74 -22.86 6.90
CA GLU A 137 -5.91 -21.65 7.69
C GLU A 137 -5.48 -21.88 9.14
N GLY A 138 -4.48 -22.73 9.37
CA GLY A 138 -4.11 -23.12 10.72
C GLY A 138 -3.47 -22.03 11.58
N LEU A 139 -2.57 -21.22 11.01
CA LEU A 139 -1.66 -20.42 11.81
C LEU A 139 -1.65 -18.99 11.30
N ALA A 140 -1.38 -18.06 12.22
CA ALA A 140 -1.11 -16.67 11.86
C ALA A 140 0.05 -16.21 12.72
N VAL A 141 1.05 -15.59 12.08
CA VAL A 141 2.20 -15.09 12.79
C VAL A 141 2.31 -13.58 12.58
N LEU A 142 2.55 -12.87 13.68
CA LEU A 142 2.90 -11.45 13.63
C LEU A 142 4.40 -11.33 13.69
N ALA A 143 4.96 -10.52 12.78
CA ALA A 143 6.41 -10.35 12.72
C ALA A 143 6.72 -8.87 12.97
N VAL A 144 7.67 -8.65 13.88
CA VAL A 144 8.24 -7.37 14.18
C VAL A 144 9.71 -7.37 13.79
N LEU A 145 10.07 -6.44 12.89
CA LEU A 145 11.47 -6.21 12.50
C LEU A 145 12.17 -5.42 13.59
N ILE A 146 13.42 -5.81 13.95
CA ILE A 146 14.14 -5.19 15.04
C ILE A 146 15.45 -4.59 14.50
N GLU A 147 15.62 -3.31 14.79
CA GLU A 147 16.77 -2.51 14.41
C GLU A 147 17.59 -2.21 15.65
N MET A 148 18.90 -2.08 15.47
CA MET A 148 19.74 -1.68 16.58
C MET A 148 19.65 -0.16 16.72
N GLY A 149 19.41 0.32 17.94
CA GLY A 149 19.44 1.75 18.23
C GLY A 149 19.22 1.99 19.72
N SER A 150 18.00 2.45 20.06
CA SER A 150 17.64 2.74 21.43
C SER A 150 17.32 1.47 22.24
N PHE A 151 17.73 1.48 23.52
CA PHE A 151 17.25 0.52 24.51
C PHE A 151 15.71 0.46 24.50
N ASN A 152 15.20 -0.77 24.68
CA ASN A 152 13.76 -1.02 24.69
C ASN A 152 13.40 -1.66 26.02
N PRO A 153 12.79 -0.89 26.94
CA PRO A 153 12.39 -1.46 28.23
C PRO A 153 11.47 -2.67 28.12
N SER A 154 10.56 -2.69 27.15
CA SER A 154 9.59 -3.77 27.03
C SER A 154 10.28 -5.05 26.57
N TYR A 155 11.16 -4.96 25.56
CA TYR A 155 11.93 -6.14 25.16
C TYR A 155 12.83 -6.61 26.33
N ASP A 156 13.31 -5.70 27.17
CA ASP A 156 14.14 -6.11 28.29
C ASP A 156 13.38 -6.98 29.30
N LYS A 157 12.06 -6.92 29.32
CA LYS A 157 11.33 -7.82 30.18
C LYS A 157 11.54 -9.29 29.82
N ILE A 158 11.87 -9.56 28.56
CA ILE A 158 12.33 -10.88 28.13
C ILE A 158 13.87 -10.99 28.27
N PHE A 159 14.60 -10.03 27.71
CA PHE A 159 16.03 -10.19 27.57
C PHE A 159 16.77 -10.22 28.90
N SER A 160 16.23 -9.60 29.95
CA SER A 160 16.86 -9.65 31.26
C SER A 160 17.01 -11.06 31.80
N HIS A 161 16.31 -12.04 31.20
CA HIS A 161 16.36 -13.43 31.63
C HIS A 161 17.31 -14.28 30.77
N LEU A 162 17.95 -13.74 29.74
CA LEU A 162 18.72 -14.56 28.80
C LEU A 162 19.87 -15.32 29.45
N GLN A 163 20.58 -14.69 30.40
CA GLN A 163 21.76 -15.32 31.00
C GLN A 163 21.33 -16.41 31.97
N HIS A 164 20.02 -16.65 32.10
CA HIS A 164 19.50 -17.71 32.94
C HIS A 164 18.77 -18.79 32.12
N VAL A 165 18.86 -18.73 30.79
CA VAL A 165 18.36 -19.79 29.91
C VAL A 165 19.40 -20.06 28.83
N LYS A 166 20.66 -20.05 29.24
CA LYS A 166 21.78 -20.09 28.32
C LYS A 166 21.81 -21.38 27.52
N TYR A 167 21.37 -22.50 28.11
CA TYR A 167 21.56 -23.82 27.48
C TYR A 167 20.23 -24.49 27.15
N LYS A 168 20.31 -25.40 26.18
CA LYS A 168 19.14 -26.08 25.68
C LYS A 168 18.38 -26.77 26.82
N GLY A 169 17.06 -26.58 26.80
CA GLY A 169 16.18 -27.18 27.78
C GLY A 169 15.98 -26.33 29.02
N GLN A 170 16.84 -25.31 29.25
CA GLN A 170 16.71 -24.48 30.44
C GLN A 170 15.48 -23.57 30.29
N GLU A 171 14.88 -23.24 31.45
CA GLU A 171 13.61 -22.54 31.53
C GLU A 171 13.72 -21.45 32.59
N ALA A 172 12.93 -20.39 32.40
CA ALA A 172 12.79 -19.30 33.34
C ALA A 172 11.34 -18.83 33.29
N PHE A 173 10.94 -18.10 34.32
CA PHE A 173 9.62 -17.51 34.35
C PHE A 173 9.74 -16.02 34.14
N VAL A 174 8.83 -15.52 33.31
CA VAL A 174 8.73 -14.10 32.99
C VAL A 174 7.38 -13.59 33.53
N PRO A 175 7.35 -12.64 34.48
CA PRO A 175 6.11 -12.06 34.92
C PRO A 175 5.33 -11.47 33.75
N GLY A 176 4.01 -11.52 33.84
CA GLY A 176 3.21 -11.02 32.74
C GLY A 176 3.43 -9.53 32.53
N PHE A 177 3.39 -9.11 31.26
CA PHE A 177 3.45 -7.72 30.90
C PHE A 177 2.61 -7.56 29.64
N ASN A 178 2.42 -6.32 29.22
CA ASN A 178 1.66 -6.05 28.02
C ASN A 178 2.49 -6.36 26.76
N ILE A 179 2.19 -7.50 26.14
CA ILE A 179 2.86 -7.96 24.93
C ILE A 179 2.69 -6.95 23.79
N GLU A 180 1.61 -6.17 23.79
CA GLU A 180 1.46 -5.14 22.75
C GLU A 180 2.60 -4.12 22.77
N GLU A 181 3.33 -3.97 23.89
CA GLU A 181 4.47 -3.06 23.97
C GLU A 181 5.61 -3.53 23.08
N LEU A 182 5.62 -4.80 22.66
CA LEU A 182 6.66 -5.26 21.76
C LEU A 182 6.39 -4.90 20.28
N LEU A 183 5.17 -4.43 19.98
CA LEU A 183 4.83 -4.11 18.62
C LEU A 183 5.28 -2.70 18.31
N PRO A 184 5.51 -2.41 17.03
CA PRO A 184 5.98 -1.10 16.62
C PRO A 184 4.87 -0.08 16.54
N GLU A 185 5.29 1.12 16.15
CA GLU A 185 4.37 2.19 15.87
C GLU A 185 3.58 1.83 14.60
N ARG A 186 2.36 2.36 14.58
CA ARG A 186 1.44 2.29 13.45
C ARG A 186 1.23 0.84 13.00
N THR A 187 0.76 0.00 13.93
CA THR A 187 0.50 -1.39 13.61
C THR A 187 -0.54 -1.55 12.51
N ALA A 188 -1.30 -0.50 12.18
CA ALA A 188 -2.21 -0.58 11.06
C ALA A 188 -1.49 -0.77 9.73
N GLU A 189 -0.22 -0.41 9.69
CA GLU A 189 0.62 -0.52 8.50
C GLU A 189 1.43 -1.81 8.50
N TYR A 190 1.13 -2.70 7.54
CA TYR A 190 1.72 -4.02 7.51
C TYR A 190 1.72 -4.56 6.09
N TYR A 191 2.55 -5.62 5.95
CA TYR A 191 2.61 -6.51 4.80
C TYR A 191 1.89 -7.81 5.16
N ARG A 192 1.11 -8.35 4.22
CA ARG A 192 0.30 -9.54 4.44
C ARG A 192 0.50 -10.50 3.28
N TYR A 193 0.81 -11.75 3.60
CA TYR A 193 0.89 -12.77 2.56
C TYR A 193 0.72 -14.15 3.19
N ARG A 194 0.38 -15.12 2.35
CA ARG A 194 0.29 -16.52 2.72
C ARG A 194 1.63 -17.20 2.52
N GLY A 195 2.11 -17.81 3.60
CA GLY A 195 3.40 -18.47 3.57
C GLY A 195 3.42 -19.67 4.49
N SER A 196 4.59 -19.87 5.07
CA SER A 196 4.89 -21.09 5.78
C SER A 196 5.57 -20.82 7.12
N LEU A 197 5.67 -21.87 7.94
CA LEU A 197 6.65 -21.87 9.00
C LEU A 197 8.03 -21.67 8.40
N THR A 198 8.90 -20.90 9.07
CA THR A 198 10.25 -20.69 8.57
C THR A 198 11.25 -21.68 9.13
N THR A 199 10.73 -22.68 9.87
CA THR A 199 11.55 -23.79 10.34
C THR A 199 10.83 -25.07 9.99
N PRO A 200 11.54 -26.20 10.01
CA PRO A 200 10.86 -27.48 9.95
C PRO A 200 9.71 -27.54 10.94
N PRO A 201 8.57 -28.15 10.57
CA PRO A 201 8.35 -28.82 9.28
C PRO A 201 7.95 -27.99 8.07
N CYS A 202 7.98 -26.66 8.20
CA CYS A 202 7.82 -25.76 7.06
C CYS A 202 6.42 -25.78 6.47
N ASN A 203 5.43 -26.10 7.29
CA ASN A 203 4.07 -26.28 6.81
C ASN A 203 3.59 -24.99 6.16
N PRO A 204 2.99 -25.06 4.95
CA PRO A 204 2.53 -23.87 4.22
C PRO A 204 1.16 -23.39 4.70
N THR A 205 1.07 -23.14 6.02
CA THR A 205 -0.21 -22.91 6.69
C THR A 205 -0.25 -21.59 7.46
N VAL A 206 0.70 -20.69 7.17
CA VAL A 206 0.82 -19.46 7.93
C VAL A 206 0.29 -18.25 7.14
N LEU A 207 -0.57 -17.46 7.76
CA LEU A 207 -0.93 -16.13 7.31
C LEU A 207 0.01 -15.18 8.03
N TRP A 208 0.91 -14.58 7.26
CA TRP A 208 1.93 -13.67 7.78
C TRP A 208 1.42 -12.25 7.79
N THR A 209 1.71 -11.56 8.90
CA THR A 209 1.57 -10.13 9.01
C THR A 209 2.91 -9.56 9.48
N VAL A 210 3.61 -8.86 8.59
CA VAL A 210 4.89 -8.24 8.95
C VAL A 210 4.64 -6.76 9.09
N PHE A 211 4.83 -6.21 10.30
CA PHE A 211 4.55 -4.81 10.47
C PHE A 211 5.56 -4.00 9.66
N ARG A 212 5.11 -2.86 9.13
CA ARG A 212 5.96 -2.03 8.28
C ARG A 212 7.15 -1.44 9.05
N ASN A 213 6.86 -0.96 10.26
CA ASN A 213 7.83 -0.19 10.99
C ASN A 213 8.60 -1.07 11.97
N PRO A 214 9.93 -0.91 12.07
CA PRO A 214 10.72 -1.69 13.02
C PRO A 214 10.60 -1.09 14.42
N VAL A 215 10.98 -1.88 15.41
CA VAL A 215 11.29 -1.40 16.74
C VAL A 215 12.81 -1.32 16.88
N GLN A 216 13.29 -0.61 17.88
CA GLN A 216 14.69 -0.56 18.23
C GLN A 216 14.95 -1.21 19.57
N ILE A 217 16.10 -1.90 19.63
CA ILE A 217 16.71 -2.39 20.87
C ILE A 217 18.16 -1.87 20.90
N SER A 218 18.79 -1.82 22.08
CA SER A 218 20.11 -1.21 22.15
C SER A 218 21.17 -2.18 21.62
N GLN A 219 22.35 -1.63 21.32
CA GLN A 219 23.49 -2.47 21.01
C GLN A 219 23.76 -3.51 22.10
N GLU A 220 23.65 -3.12 23.38
CA GLU A 220 23.88 -4.06 24.48
C GLU A 220 22.82 -5.15 24.48
N GLN A 221 21.56 -4.80 24.25
CA GLN A 221 20.52 -5.80 24.20
C GLN A 221 20.76 -6.79 23.08
N LEU A 222 21.07 -6.28 21.89
CA LEU A 222 21.32 -7.11 20.73
C LEU A 222 22.51 -8.04 20.97
N LEU A 223 23.59 -7.51 21.56
CA LEU A 223 24.76 -8.34 21.82
C LEU A 223 24.43 -9.42 22.85
N ALA A 224 23.59 -9.11 23.85
CA ALA A 224 23.17 -10.11 24.82
C ALA A 224 22.43 -11.23 24.08
N LEU A 225 21.50 -10.86 23.20
CA LEU A 225 20.73 -11.84 22.45
C LEU A 225 21.67 -12.73 21.63
N GLU A 226 22.71 -12.13 21.01
CA GLU A 226 23.62 -12.82 20.11
C GLU A 226 24.66 -13.68 20.83
N THR A 227 24.91 -13.40 22.13
CA THR A 227 26.03 -13.98 22.84
C THR A 227 25.65 -14.81 24.06
N ALA A 228 24.42 -14.71 24.55
CA ALA A 228 24.07 -15.36 25.80
C ALA A 228 23.80 -16.85 25.63
N LEU A 229 23.31 -17.29 24.45
CA LEU A 229 22.63 -18.56 24.33
C LEU A 229 23.43 -19.57 23.50
N TYR A 230 23.21 -20.84 23.84
CA TYR A 230 23.79 -22.00 23.17
C TYR A 230 22.67 -22.96 22.74
N CYS A 231 22.92 -23.65 21.60
CA CYS A 231 22.00 -24.67 21.10
C CYS A 231 22.12 -26.00 21.84
N THR A 232 23.20 -26.17 22.61
CA THR A 232 23.60 -27.41 23.25
C THR A 232 23.26 -27.37 24.73
N HIS A 233 23.17 -28.57 25.34
CA HIS A 233 22.92 -28.73 26.78
C HIS A 233 24.14 -28.25 27.58
N MET A 234 23.88 -27.86 28.84
CA MET A 234 24.88 -27.32 29.75
C MET A 234 26.05 -28.30 29.97
N ASP A 235 25.79 -29.61 29.93
CA ASP A 235 26.83 -30.58 30.22
C ASP A 235 27.60 -30.95 28.94
N ASP A 236 27.19 -30.41 27.79
CA ASP A 236 27.81 -30.75 26.51
C ASP A 236 29.27 -30.30 26.51
N PRO A 237 30.24 -31.20 26.21
CA PRO A 237 31.65 -30.80 26.18
C PRO A 237 32.02 -29.88 25.02
N SER A 238 31.23 -29.91 23.93
CA SER A 238 31.52 -29.12 22.75
C SER A 238 30.38 -28.15 22.45
N PRO A 239 30.33 -26.98 23.12
CA PRO A 239 29.16 -26.11 23.03
C PRO A 239 29.05 -25.48 21.63
N ARG A 240 27.80 -25.39 21.14
CA ARG A 240 27.49 -24.61 19.94
C ARG A 240 26.71 -23.33 20.28
N GLU A 241 27.26 -22.17 19.87
CA GLU A 241 26.59 -20.87 20.08
C GLU A 241 25.29 -20.78 19.28
N MET A 242 24.25 -20.19 19.89
CA MET A 242 23.00 -19.97 19.20
C MET A 242 23.09 -18.60 18.48
N ILE A 243 23.46 -18.66 17.20
CA ILE A 243 23.68 -17.53 16.32
C ILE A 243 23.13 -17.86 14.94
N ASN A 244 22.81 -16.81 14.18
CA ASN A 244 22.41 -16.96 12.80
C ASN A 244 21.24 -17.94 12.64
N ASN A 245 20.25 -17.80 13.53
CA ASN A 245 19.11 -18.71 13.56
C ASN A 245 17.94 -18.11 12.78
N PHE A 246 18.21 -17.81 11.51
CA PHE A 246 17.28 -17.26 10.57
C PHE A 246 17.38 -18.02 9.26
N ARG A 247 16.29 -18.15 8.53
CA ARG A 247 16.30 -18.81 7.24
C ARG A 247 16.57 -17.75 6.17
N GLN A 248 17.30 -18.12 5.11
CA GLN A 248 17.44 -17.26 3.93
C GLN A 248 16.08 -17.02 3.30
N VAL A 249 15.95 -15.86 2.63
CA VAL A 249 14.72 -15.58 1.89
C VAL A 249 14.53 -16.58 0.75
N GLN A 250 13.26 -16.84 0.45
CA GLN A 250 12.82 -17.84 -0.50
C GLN A 250 12.42 -17.16 -1.81
N LYS A 251 12.44 -17.90 -2.92
CA LYS A 251 11.83 -17.40 -4.15
C LYS A 251 10.37 -17.10 -3.93
N PHE A 252 9.89 -16.07 -4.63
CA PHE A 252 8.52 -15.62 -4.53
C PHE A 252 8.14 -15.03 -5.88
N ASP A 253 7.47 -15.83 -6.69
CA ASP A 253 7.21 -15.58 -8.12
C ASP A 253 5.70 -15.84 -8.35
N GLU A 254 5.09 -15.12 -9.31
CA GLU A 254 3.68 -15.20 -9.72
C GLU A 254 2.74 -14.97 -8.54
N ARG A 255 3.21 -14.16 -7.58
CA ARG A 255 2.45 -13.95 -6.36
C ARG A 255 2.72 -12.58 -5.80
N LEU A 256 1.80 -12.16 -4.91
CA LEU A 256 1.82 -10.82 -4.37
C LEU A 256 1.80 -10.84 -2.84
N VAL A 257 2.46 -9.82 -2.30
CA VAL A 257 2.34 -9.42 -0.93
C VAL A 257 1.42 -8.19 -0.91
N TYR A 258 0.43 -8.20 -0.04
CA TYR A 258 -0.52 -7.10 0.02
C TYR A 258 -0.11 -6.17 1.15
N THR A 259 -0.22 -4.87 0.93
CA THR A 259 0.14 -3.90 1.92
C THR A 259 -1.07 -3.08 2.32
N SER A 260 -1.08 -2.70 3.61
CA SER A 260 -2.15 -1.87 4.12
C SER A 260 -1.78 -0.39 4.10
N PHE A 261 -0.62 -0.07 3.54
CA PHE A 261 -0.12 1.27 3.40
C PHE A 261 0.21 1.47 1.91
N SER A 262 0.27 2.71 1.47
CA SER A 262 0.53 2.97 0.06
C SER A 262 1.95 3.52 -0.14
N LYS B 3 16.21 -33.27 -14.10
CA LYS B 3 16.65 -33.77 -12.77
C LYS B 3 16.73 -32.64 -11.75
N TRP B 4 16.94 -31.38 -12.17
CA TRP B 4 16.86 -30.27 -11.25
C TRP B 4 16.29 -29.03 -11.96
N THR B 5 15.64 -28.14 -11.19
CA THR B 5 15.10 -26.91 -11.71
C THR B 5 15.34 -25.77 -10.72
N TYR B 6 14.86 -24.59 -11.08
CA TYR B 6 14.88 -23.43 -10.21
C TYR B 6 13.50 -23.08 -9.64
N PHE B 7 12.49 -23.90 -9.87
CA PHE B 7 11.13 -23.57 -9.46
C PHE B 7 10.42 -24.87 -9.14
N GLY B 8 9.68 -24.87 -8.04
CA GLY B 8 8.75 -25.94 -7.74
C GLY B 8 9.46 -27.13 -7.08
N PRO B 9 8.93 -28.36 -7.22
CA PRO B 9 9.37 -29.52 -6.43
C PRO B 9 10.85 -29.89 -6.54
N ASP B 10 11.41 -29.62 -7.71
CA ASP B 10 12.79 -29.98 -7.99
C ASP B 10 13.69 -28.76 -7.89
N GLY B 11 13.18 -27.69 -7.26
CA GLY B 11 13.89 -26.44 -7.05
C GLY B 11 15.01 -26.52 -6.01
N GLU B 12 15.57 -25.36 -5.71
CA GLU B 12 16.87 -25.30 -5.07
C GLU B 12 16.86 -25.85 -3.64
N ASN B 13 15.75 -25.84 -2.94
CA ASN B 13 15.73 -26.38 -1.59
C ASN B 13 15.83 -27.90 -1.59
N SER B 14 15.58 -28.53 -2.74
CA SER B 14 15.65 -29.98 -2.87
C SER B 14 16.91 -30.47 -3.61
N TRP B 15 17.75 -29.56 -4.12
CA TRP B 15 18.96 -29.99 -4.81
C TRP B 15 19.82 -30.95 -3.98
N SER B 16 19.86 -30.73 -2.66
CA SER B 16 20.75 -31.49 -1.80
C SER B 16 20.43 -32.99 -1.78
N LYS B 17 19.21 -33.34 -2.15
CA LYS B 17 18.79 -34.73 -2.16
C LYS B 17 19.68 -35.55 -3.10
N LYS B 18 19.80 -35.09 -4.35
CA LYS B 18 20.56 -35.89 -5.32
C LYS B 18 21.97 -35.35 -5.55
N TYR B 19 22.23 -34.15 -5.06
CA TYR B 19 23.51 -33.46 -5.15
C TYR B 19 23.87 -32.97 -3.75
N PRO B 20 24.41 -33.88 -2.90
CA PRO B 20 24.77 -33.58 -1.51
C PRO B 20 25.46 -32.20 -1.32
N SER B 21 26.33 -31.88 -2.29
CA SER B 21 27.24 -30.74 -2.14
C SER B 21 26.42 -29.47 -2.12
N CYS B 22 25.21 -29.48 -2.66
CA CYS B 22 24.34 -28.32 -2.60
C CYS B 22 23.93 -27.94 -1.18
N GLY B 23 24.04 -28.87 -0.22
CA GLY B 23 23.88 -28.61 1.21
C GLY B 23 25.19 -28.64 2.00
N GLY B 24 26.32 -28.53 1.30
CA GLY B 24 27.65 -28.59 1.89
C GLY B 24 28.30 -27.23 2.05
N LEU B 25 29.64 -27.27 2.12
CA LEU B 25 30.49 -26.12 2.39
C LEU B 25 30.64 -25.20 1.19
N LEU B 26 31.04 -23.95 1.47
CA LEU B 26 31.55 -22.99 0.51
C LEU B 26 30.54 -22.65 -0.58
N GLN B 27 29.24 -22.63 -0.25
CA GLN B 27 28.23 -22.48 -1.29
C GLN B 27 28.15 -21.02 -1.77
N SER B 28 27.87 -20.88 -3.07
CA SER B 28 27.65 -19.63 -3.75
C SER B 28 26.23 -19.61 -4.30
N PRO B 29 25.67 -18.44 -4.70
CA PRO B 29 26.24 -17.10 -4.54
C PRO B 29 25.97 -16.52 -3.15
N ILE B 30 26.44 -15.28 -2.96
CA ILE B 30 26.37 -14.61 -1.66
C ILE B 30 26.04 -13.15 -1.84
N ASP B 31 25.60 -12.52 -0.74
CA ASP B 31 25.47 -11.07 -0.69
C ASP B 31 26.78 -10.43 -0.27
N LEU B 32 27.23 -9.53 -1.12
CA LEU B 32 28.47 -8.80 -0.88
C LEU B 32 28.14 -7.52 -0.11
N HIS B 33 28.47 -7.52 1.19
CA HIS B 33 28.11 -6.42 2.06
C HIS B 33 29.24 -6.15 3.05
N SER B 34 29.25 -4.93 3.59
CA SER B 34 30.40 -4.37 4.28
C SER B 34 30.93 -5.27 5.41
N ASP B 35 30.07 -5.93 6.16
CA ASP B 35 30.46 -6.67 7.35
C ASP B 35 31.38 -7.85 7.03
N ILE B 36 31.29 -8.34 5.80
CA ILE B 36 32.08 -9.52 5.42
C ILE B 36 33.18 -9.20 4.40
N LEU B 37 33.42 -7.92 4.11
CA LEU B 37 34.47 -7.53 3.15
C LEU B 37 35.75 -7.18 3.89
N GLN B 38 36.88 -7.45 3.22
CA GLN B 38 38.16 -6.98 3.73
C GLN B 38 39.04 -6.67 2.53
N TYR B 39 39.55 -5.46 2.54
CA TYR B 39 40.53 -5.05 1.52
C TYR B 39 41.83 -5.88 1.59
N ASP B 40 42.30 -6.36 0.43
CA ASP B 40 43.57 -7.09 0.30
C ASP B 40 44.47 -6.44 -0.76
N ALA B 41 45.41 -5.67 -0.25
CA ALA B 41 46.28 -4.87 -1.11
C ALA B 41 47.14 -5.69 -2.10
N SER B 42 47.28 -6.99 -1.84
CA SER B 42 48.06 -7.89 -2.70
C SER B 42 47.26 -8.44 -3.88
N LEU B 43 45.91 -8.29 -3.90
CA LEU B 43 45.16 -8.75 -5.06
C LEU B 43 45.69 -7.97 -6.28
N THR B 44 45.72 -8.67 -7.44
CA THR B 44 46.27 -8.07 -8.63
C THR B 44 45.16 -7.98 -9.68
N PRO B 45 45.27 -7.02 -10.63
CA PRO B 45 44.30 -6.98 -11.73
C PRO B 45 44.49 -8.33 -12.44
N LEU B 46 43.41 -8.97 -12.89
CA LEU B 46 43.55 -10.03 -13.90
C LEU B 46 43.94 -9.46 -15.27
N GLU B 47 44.56 -10.35 -16.04
CA GLU B 47 44.87 -10.12 -17.45
C GLU B 47 44.09 -11.15 -18.26
N PHE B 48 43.41 -10.64 -19.29
CA PHE B 48 42.62 -11.45 -20.21
C PHE B 48 43.48 -11.58 -21.50
N GLN B 49 44.13 -12.80 -21.63
CA GLN B 49 44.95 -13.15 -22.78
C GLN B 49 44.08 -14.10 -23.62
N GLY B 50 44.09 -13.87 -24.96
CA GLY B 50 43.23 -14.62 -25.87
C GLY B 50 41.75 -14.47 -25.54
N TYR B 51 41.25 -13.23 -25.51
CA TYR B 51 39.81 -12.96 -25.34
C TYR B 51 39.20 -12.47 -26.67
N ASN B 52 40.06 -12.01 -27.60
CA ASN B 52 39.60 -11.43 -28.84
C ASN B 52 39.41 -12.53 -29.89
N LEU B 53 38.22 -13.12 -30.02
CA LEU B 53 38.11 -14.31 -30.80
C LEU B 53 37.95 -13.92 -32.27
N SER B 54 38.58 -14.73 -33.14
CA SER B 54 38.57 -14.45 -34.55
C SER B 54 37.15 -14.50 -35.12
N ALA B 55 36.79 -13.45 -35.89
CA ALA B 55 35.51 -13.41 -36.56
C ALA B 55 35.39 -14.51 -37.62
N ASN B 56 36.52 -15.06 -38.11
CA ASN B 56 36.54 -16.19 -39.08
C ASN B 56 36.29 -17.53 -38.37
N LYS B 57 36.32 -17.56 -37.04
CA LYS B 57 35.99 -18.78 -36.30
C LYS B 57 34.54 -18.67 -35.74
N GLN B 58 33.90 -19.79 -35.29
CA GLN B 58 32.55 -19.83 -34.77
C GLN B 58 32.66 -20.64 -33.49
N PHE B 59 31.67 -20.35 -32.63
CA PHE B 59 31.64 -20.86 -31.26
C PHE B 59 30.21 -21.31 -30.96
N LEU B 60 30.08 -22.49 -30.36
CA LEU B 60 28.75 -23.08 -30.22
C LEU B 60 27.94 -22.48 -29.07
N LEU B 61 26.72 -22.03 -29.39
CA LEU B 61 25.76 -21.58 -28.40
C LEU B 61 24.76 -22.71 -28.19
N THR B 62 24.47 -23.05 -26.93
CA THR B 62 23.62 -24.18 -26.59
C THR B 62 22.62 -23.74 -25.52
N ASN B 63 21.35 -24.13 -25.71
CA ASN B 63 20.36 -24.11 -24.64
C ASN B 63 20.44 -25.45 -23.93
N ASN B 64 20.94 -25.49 -22.69
CA ASN B 64 21.10 -26.76 -21.97
C ASN B 64 19.92 -27.08 -21.04
N GLY B 65 18.83 -26.34 -21.21
CA GLY B 65 17.67 -26.55 -20.38
C GLY B 65 17.66 -25.73 -19.10
N HIS B 66 18.77 -25.13 -18.74
CA HIS B 66 18.90 -24.33 -17.52
C HIS B 66 19.37 -22.89 -17.77
N SER B 67 20.19 -22.70 -18.81
CA SER B 67 20.60 -21.39 -19.27
C SER B 67 21.00 -21.53 -20.73
N VAL B 68 21.51 -20.43 -21.29
CA VAL B 68 22.18 -20.47 -22.58
C VAL B 68 23.66 -20.33 -22.30
N LYS B 69 24.45 -21.22 -22.91
CA LYS B 69 25.91 -21.17 -22.81
C LYS B 69 26.55 -21.01 -24.18
N LEU B 70 27.68 -20.29 -24.18
CA LEU B 70 28.55 -20.20 -25.35
C LEU B 70 29.88 -20.89 -25.02
N ASN B 71 30.23 -21.89 -25.84
CA ASN B 71 31.52 -22.56 -25.70
C ASN B 71 32.65 -21.60 -26.04
N LEU B 72 33.72 -21.75 -25.28
CA LEU B 72 34.81 -20.84 -25.43
C LEU B 72 36.01 -21.70 -25.57
N PRO B 73 37.07 -21.24 -26.33
CA PRO B 73 38.30 -22.05 -26.62
C PRO B 73 39.30 -22.01 -25.47
N SER B 74 40.12 -23.09 -25.29
CA SER B 74 41.02 -23.23 -24.15
C SER B 74 42.27 -22.35 -24.30
N ASP B 75 42.56 -21.85 -25.51
CA ASP B 75 43.61 -20.85 -25.68
C ASP B 75 43.20 -19.64 -24.82
N MET B 76 41.92 -19.26 -24.90
CA MET B 76 41.42 -18.20 -24.04
C MET B 76 41.63 -18.61 -22.56
N HIS B 77 42.30 -17.65 -21.79
CA HIS B 77 42.90 -17.95 -20.50
C HIS B 77 43.15 -16.65 -19.73
N ILE B 78 43.74 -16.78 -18.54
CA ILE B 78 44.07 -15.61 -17.74
C ILE B 78 45.43 -15.76 -17.10
N GLN B 79 45.72 -14.76 -16.27
CA GLN B 79 46.91 -14.64 -15.46
C GLN B 79 46.56 -13.67 -14.33
N GLY B 80 46.80 -14.11 -13.07
CA GLY B 80 46.45 -13.30 -11.88
C GLY B 80 46.12 -14.16 -10.63
N LEU B 81 45.82 -15.47 -10.91
CA LEU B 81 45.62 -16.48 -9.88
C LEU B 81 46.94 -17.26 -9.68
N GLN B 82 46.81 -18.43 -8.97
CA GLN B 82 47.95 -19.24 -8.58
C GLN B 82 48.15 -20.46 -9.50
N SER B 83 47.30 -20.54 -10.55
CA SER B 83 47.59 -21.37 -11.72
C SER B 83 47.13 -20.61 -12.97
N ARG B 84 47.11 -21.31 -14.11
CA ARG B 84 46.53 -20.77 -15.32
C ARG B 84 45.09 -21.27 -15.38
N TYR B 85 44.14 -20.38 -15.75
CA TYR B 85 42.72 -20.74 -15.78
C TYR B 85 42.08 -20.40 -17.13
N SER B 86 41.40 -21.41 -17.71
CA SER B 86 41.15 -21.41 -19.14
C SER B 86 39.66 -21.46 -19.47
N ALA B 87 39.21 -20.52 -20.32
CA ALA B 87 37.82 -20.48 -20.70
C ALA B 87 37.37 -21.88 -21.09
N THR B 88 36.17 -22.19 -20.58
CA THR B 88 35.42 -23.33 -21.03
C THR B 88 34.13 -22.85 -21.69
N GLN B 89 33.40 -21.91 -21.04
CA GLN B 89 32.12 -21.46 -21.54
C GLN B 89 31.75 -20.20 -20.78
N LEU B 90 30.77 -19.48 -21.32
CA LEU B 90 30.11 -18.46 -20.55
C LEU B 90 28.61 -18.74 -20.63
N HIS B 91 27.89 -18.18 -19.64
CA HIS B 91 26.43 -18.30 -19.57
C HIS B 91 25.90 -17.15 -18.74
N LEU B 92 24.54 -17.06 -18.69
CA LEU B 92 23.84 -15.99 -17.98
C LEU B 92 22.79 -16.52 -17.00
N HIS B 93 22.45 -15.62 -16.09
CA HIS B 93 21.32 -15.80 -15.15
C HIS B 93 20.46 -14.55 -15.18
N TRP B 94 19.13 -14.76 -15.12
CA TRP B 94 18.22 -13.61 -15.19
C TRP B 94 16.92 -13.92 -14.43
N GLY B 95 16.09 -12.88 -14.32
CA GLY B 95 14.81 -12.92 -13.59
C GLY B 95 13.63 -13.10 -14.55
N ASN B 96 12.65 -12.22 -14.46
CA ASN B 96 11.46 -12.35 -15.26
C ASN B 96 10.89 -10.96 -15.48
N PRO B 97 9.96 -10.76 -16.44
CA PRO B 97 9.48 -9.41 -16.73
C PRO B 97 8.76 -8.74 -15.57
N ASN B 98 8.13 -9.50 -14.70
CA ASN B 98 7.41 -8.93 -13.58
C ASN B 98 8.37 -8.54 -12.45
N ASP B 99 9.56 -9.08 -12.43
CA ASP B 99 10.53 -8.83 -11.36
C ASP B 99 11.91 -8.99 -11.98
N PRO B 100 12.36 -7.96 -12.72
CA PRO B 100 13.55 -8.10 -13.58
C PRO B 100 14.88 -7.93 -12.83
N HIS B 101 15.06 -8.80 -11.82
CA HIS B 101 16.15 -8.67 -10.89
C HIS B 101 16.70 -10.06 -10.60
N GLY B 102 17.45 -10.63 -11.55
CA GLY B 102 17.87 -12.03 -11.52
C GLY B 102 19.39 -12.27 -11.50
N SER B 103 20.17 -11.33 -10.98
CA SER B 103 21.57 -11.64 -10.72
C SER B 103 21.63 -12.71 -9.61
N GLU B 104 22.75 -13.42 -9.55
CA GLU B 104 23.03 -14.38 -8.48
C GLU B 104 23.63 -13.69 -7.27
N HIS B 105 24.80 -13.02 -7.46
CA HIS B 105 25.31 -12.22 -6.36
C HIS B 105 24.47 -10.96 -6.19
N THR B 106 24.43 -10.48 -4.96
CA THR B 106 23.83 -9.20 -4.63
C THR B 106 24.88 -8.31 -3.95
N VAL B 107 24.69 -7.00 -4.02
CA VAL B 107 25.63 -6.06 -3.43
C VAL B 107 24.78 -5.22 -2.46
N SER B 108 25.12 -5.27 -1.18
CA SER B 108 24.36 -4.56 -0.16
C SER B 108 22.86 -4.82 -0.29
N GLY B 109 22.57 -6.11 -0.52
CA GLY B 109 21.24 -6.66 -0.55
C GLY B 109 20.51 -6.44 -1.88
N GLN B 110 21.15 -5.74 -2.82
CA GLN B 110 20.50 -5.41 -4.07
C GLN B 110 20.83 -6.39 -5.17
N HIS B 111 19.80 -6.89 -5.84
CA HIS B 111 19.97 -7.70 -7.01
C HIS B 111 20.20 -6.74 -8.16
N PHE B 112 20.94 -7.25 -9.11
CA PHE B 112 21.03 -6.61 -10.39
C PHE B 112 20.08 -7.32 -11.35
N ALA B 113 19.93 -6.76 -12.53
CA ALA B 113 19.01 -7.32 -13.51
C ALA B 113 19.37 -8.74 -13.94
N ALA B 114 20.66 -8.99 -14.16
CA ALA B 114 21.14 -10.25 -14.67
C ALA B 114 22.62 -10.37 -14.28
N GLU B 115 23.21 -11.52 -14.63
CA GLU B 115 24.63 -11.75 -14.33
C GLU B 115 25.18 -12.67 -15.40
N LEU B 116 26.40 -12.30 -15.90
CA LEU B 116 27.20 -13.09 -16.84
C LEU B 116 28.35 -13.75 -16.10
N HIS B 117 28.52 -15.04 -16.39
CA HIS B 117 29.58 -15.87 -15.82
C HIS B 117 30.45 -16.41 -16.94
N ILE B 118 31.77 -16.14 -16.82
CA ILE B 118 32.85 -16.68 -17.70
C ILE B 118 33.74 -17.72 -16.98
N VAL B 119 33.42 -18.97 -17.35
CA VAL B 119 33.87 -20.10 -16.57
C VAL B 119 35.22 -20.54 -17.18
N HIS B 120 36.23 -20.73 -16.31
CA HIS B 120 37.54 -21.25 -16.69
C HIS B 120 37.81 -22.50 -15.83
N TYR B 121 38.89 -23.23 -16.21
CA TYR B 121 39.34 -24.39 -15.43
C TYR B 121 40.85 -24.39 -15.34
N ASN B 122 41.35 -25.08 -14.31
CA ASN B 122 42.78 -25.18 -13.97
C ASN B 122 43.51 -26.11 -14.94
N SER B 123 44.12 -25.49 -15.98
CA SER B 123 44.68 -26.24 -17.11
C SER B 123 46.08 -26.76 -16.82
N ASP B 124 46.68 -26.20 -15.74
CA ASP B 124 47.91 -26.70 -15.15
C ASP B 124 47.69 -28.04 -14.44
N LEU B 125 46.66 -28.25 -13.63
CA LEU B 125 46.43 -29.46 -12.86
C LEU B 125 45.56 -30.49 -13.59
N TYR B 126 44.67 -30.08 -14.50
CA TYR B 126 43.68 -31.01 -15.02
C TYR B 126 43.59 -30.90 -16.55
N PRO B 127 43.17 -31.99 -17.22
CA PRO B 127 43.08 -31.98 -18.68
C PRO B 127 41.92 -31.23 -19.33
N ASP B 128 40.82 -31.01 -18.62
CA ASP B 128 39.63 -30.42 -19.19
C ASP B 128 38.76 -29.98 -18.03
N ALA B 129 37.67 -29.32 -18.37
CA ALA B 129 36.81 -28.70 -17.36
C ALA B 129 36.05 -29.76 -16.57
N SER B 130 35.52 -30.80 -17.23
CA SER B 130 34.72 -31.80 -16.52
C SER B 130 35.56 -32.49 -15.47
N THR B 131 36.82 -32.76 -15.81
CA THR B 131 37.70 -33.45 -14.89
C THR B 131 38.05 -32.58 -13.69
N ALA B 132 38.25 -31.29 -13.97
CA ALA B 132 38.62 -30.32 -12.96
C ALA B 132 37.46 -30.06 -12.00
N SER B 133 36.21 -30.22 -12.49
CA SER B 133 35.06 -29.66 -11.78
C SER B 133 34.91 -30.13 -10.33
N ASN B 134 35.27 -31.38 -9.98
CA ASN B 134 35.05 -31.92 -8.64
C ASN B 134 36.41 -32.19 -7.97
N LYS B 135 37.43 -31.42 -8.33
CA LYS B 135 38.77 -31.58 -7.76
C LYS B 135 39.28 -30.24 -7.24
N SER B 136 40.22 -30.35 -6.29
CA SER B 136 40.77 -29.17 -5.61
C SER B 136 41.25 -28.17 -6.65
N GLU B 137 40.91 -26.91 -6.41
CA GLU B 137 41.42 -25.82 -7.26
C GLU B 137 40.93 -25.93 -8.71
N GLY B 138 39.79 -26.59 -8.95
CA GLY B 138 39.43 -26.86 -10.36
C GLY B 138 39.14 -25.62 -11.23
N LEU B 139 38.15 -24.85 -10.67
CA LEU B 139 37.53 -23.79 -11.49
C LEU B 139 37.69 -22.36 -11.00
N ALA B 140 37.60 -21.42 -11.94
CA ALA B 140 37.61 -19.99 -11.65
C ALA B 140 36.55 -19.33 -12.54
N VAL B 141 35.61 -18.52 -11.98
CA VAL B 141 34.48 -17.87 -12.68
C VAL B 141 34.46 -16.32 -12.49
N LEU B 142 34.31 -15.60 -13.61
CA LEU B 142 34.28 -14.16 -13.59
C LEU B 142 32.82 -13.79 -13.60
N ALA B 143 32.41 -12.90 -12.76
CA ALA B 143 30.99 -12.55 -12.70
C ALA B 143 30.89 -11.08 -13.02
N VAL B 144 30.06 -10.80 -14.02
CA VAL B 144 29.75 -9.46 -14.42
C VAL B 144 28.28 -9.22 -14.03
N LEU B 145 28.06 -8.17 -13.22
CA LEU B 145 26.72 -7.74 -12.85
C LEU B 145 26.18 -6.88 -13.99
N ILE B 146 24.88 -7.07 -14.29
CA ILE B 146 24.24 -6.40 -15.40
C ILE B 146 23.08 -5.58 -14.89
N GLU B 147 23.04 -4.30 -15.24
CA GLU B 147 21.94 -3.41 -14.91
C GLU B 147 21.31 -2.87 -16.18
N MET B 148 20.05 -2.43 -16.04
CA MET B 148 19.34 -1.87 -17.16
C MET B 148 19.93 -0.48 -17.44
N GLY B 149 20.14 -0.17 -18.72
CA GLY B 149 20.61 1.15 -19.14
C GLY B 149 20.66 1.30 -20.66
N SER B 150 21.81 1.71 -21.20
CA SER B 150 21.95 1.92 -22.63
C SER B 150 22.12 0.58 -23.36
N PHE B 151 21.65 0.54 -24.60
CA PHE B 151 21.86 -0.59 -25.49
C PHE B 151 23.35 -0.95 -25.56
N ASN B 152 23.63 -2.27 -25.48
CA ASN B 152 24.98 -2.80 -25.45
C ASN B 152 25.21 -3.64 -26.71
N PRO B 153 25.91 -3.10 -27.72
CA PRO B 153 26.08 -3.88 -28.94
C PRO B 153 26.85 -5.18 -28.73
N SER B 154 27.76 -5.19 -27.74
CA SER B 154 28.54 -6.39 -27.49
C SER B 154 27.69 -7.55 -26.95
N TYR B 155 26.84 -7.26 -25.97
CA TYR B 155 25.93 -8.31 -25.51
C TYR B 155 24.95 -8.73 -26.63
N ASP B 156 24.64 -7.83 -27.58
CA ASP B 156 23.78 -8.21 -28.68
C ASP B 156 24.44 -9.23 -29.63
N LYS B 157 25.77 -9.37 -29.56
CA LYS B 157 26.44 -10.40 -30.36
C LYS B 157 26.00 -11.79 -29.88
N ILE B 158 25.57 -11.90 -28.61
CA ILE B 158 24.97 -13.13 -28.12
C ILE B 158 23.47 -13.11 -28.34
N PHE B 159 22.81 -12.05 -27.88
CA PHE B 159 21.36 -12.02 -27.81
C PHE B 159 20.71 -12.17 -29.20
N SER B 160 21.37 -11.70 -30.26
CA SER B 160 20.80 -11.77 -31.60
C SER B 160 20.70 -13.20 -32.11
N HIS B 161 21.26 -14.20 -31.41
CA HIS B 161 21.18 -15.59 -31.83
C HIS B 161 20.18 -16.40 -31.02
N LEU B 162 19.54 -15.78 -30.02
CA LEU B 162 18.76 -16.57 -29.06
C LEU B 162 17.57 -17.29 -29.70
N GLN B 163 17.04 -16.77 -30.80
CA GLN B 163 15.88 -17.42 -31.41
C GLN B 163 16.25 -18.76 -32.07
N HIS B 164 17.55 -19.03 -32.26
CA HIS B 164 18.00 -20.31 -32.80
C HIS B 164 18.30 -21.37 -31.73
N VAL B 165 18.19 -21.00 -30.45
CA VAL B 165 18.37 -21.94 -29.34
C VAL B 165 17.19 -21.85 -28.36
N LYS B 166 15.99 -21.69 -28.89
CA LYS B 166 14.79 -21.47 -28.07
C LYS B 166 14.54 -22.63 -27.10
N TYR B 167 14.76 -23.87 -27.57
CA TYR B 167 14.45 -25.05 -26.78
C TYR B 167 15.68 -25.82 -26.35
N LYS B 168 15.52 -26.56 -25.25
CA LYS B 168 16.58 -27.40 -24.71
C LYS B 168 17.16 -28.30 -25.77
N GLY B 169 18.47 -28.31 -25.80
CA GLY B 169 19.20 -29.17 -26.69
C GLY B 169 19.51 -28.49 -28.03
N GLN B 170 18.87 -27.35 -28.34
CA GLN B 170 19.14 -26.66 -29.58
C GLN B 170 20.49 -25.95 -29.48
N GLU B 171 21.17 -25.93 -30.61
CA GLU B 171 22.49 -25.36 -30.71
C GLU B 171 22.61 -24.50 -31.98
N ALA B 172 23.43 -23.46 -31.90
CA ALA B 172 23.73 -22.66 -33.07
C ALA B 172 25.09 -22.00 -32.94
N PHE B 173 25.70 -21.65 -34.07
CA PHE B 173 27.02 -21.07 -33.98
C PHE B 173 26.97 -19.55 -33.94
N VAL B 174 27.94 -18.97 -33.22
CA VAL B 174 28.16 -17.54 -33.09
C VAL B 174 29.55 -17.23 -33.65
N PRO B 175 29.70 -16.28 -34.59
CA PRO B 175 31.06 -15.93 -35.03
C PRO B 175 31.86 -15.27 -33.91
N GLY B 176 33.19 -15.46 -33.91
CA GLY B 176 33.98 -14.90 -32.84
C GLY B 176 33.83 -13.39 -32.76
N PHE B 177 33.92 -12.88 -31.52
CA PHE B 177 33.98 -11.46 -31.25
C PHE B 177 34.83 -11.28 -30.00
N ASN B 178 35.02 -10.03 -29.60
CA ASN B 178 35.91 -9.75 -28.49
C ASN B 178 35.16 -9.90 -27.17
N ILE B 179 35.48 -10.99 -26.49
CA ILE B 179 34.73 -11.30 -25.26
C ILE B 179 35.02 -10.25 -24.16
N GLU B 180 36.20 -9.60 -24.24
CA GLU B 180 36.54 -8.56 -23.28
C GLU B 180 35.54 -7.41 -23.30
N GLU B 181 34.81 -7.26 -24.41
CA GLU B 181 33.81 -6.19 -24.56
C GLU B 181 32.60 -6.45 -23.62
N LEU B 182 32.43 -7.67 -23.11
CA LEU B 182 31.34 -7.99 -22.18
C LEU B 182 31.70 -7.60 -20.74
N LEU B 183 32.96 -7.26 -20.45
CA LEU B 183 33.38 -6.90 -19.11
C LEU B 183 33.17 -5.40 -18.88
N PRO B 184 33.12 -5.00 -17.60
CA PRO B 184 32.96 -3.59 -17.25
C PRO B 184 34.24 -2.74 -17.30
N GLU B 185 34.09 -1.52 -16.75
CA GLU B 185 35.21 -0.60 -16.62
C GLU B 185 35.95 -0.99 -15.35
N ARG B 186 37.25 -0.68 -15.30
CA ARG B 186 38.00 -0.86 -14.06
C ARG B 186 37.80 -2.29 -13.54
N THR B 187 38.05 -3.27 -14.42
CA THR B 187 38.09 -4.64 -13.96
C THR B 187 39.04 -4.81 -12.78
N ALA B 188 39.96 -3.86 -12.57
CA ALA B 188 40.94 -3.97 -11.50
C ALA B 188 40.23 -4.04 -10.15
N GLU B 189 39.00 -3.51 -10.03
CA GLU B 189 38.25 -3.49 -8.77
C GLU B 189 37.23 -4.63 -8.74
N TYR B 190 37.42 -5.54 -7.78
CA TYR B 190 36.62 -6.74 -7.73
C TYR B 190 36.51 -7.27 -6.30
N TYR B 191 35.53 -8.17 -6.15
CA TYR B 191 35.40 -9.01 -4.98
C TYR B 191 35.94 -10.40 -5.31
N ARG B 192 36.60 -11.04 -4.35
CA ARG B 192 37.14 -12.37 -4.57
C ARG B 192 36.88 -13.26 -3.36
N TYR B 193 36.40 -14.47 -3.59
CA TYR B 193 36.20 -15.43 -2.52
C TYR B 193 36.15 -16.84 -3.08
N ARG B 194 36.39 -17.82 -2.19
CA ARG B 194 36.26 -19.23 -2.50
C ARG B 194 34.82 -19.70 -2.31
N GLY B 195 34.25 -20.29 -3.35
CA GLY B 195 32.88 -20.75 -3.29
C GLY B 195 32.67 -21.96 -4.19
N SER B 196 31.49 -22.03 -4.79
CA SER B 196 30.98 -23.26 -5.41
C SER B 196 30.38 -22.93 -6.77
N LEU B 197 30.09 -24.01 -7.49
CA LEU B 197 29.13 -23.92 -8.56
C LEU B 197 27.80 -23.50 -7.94
N THR B 198 27.02 -22.70 -8.67
CA THR B 198 25.74 -22.21 -8.18
C THR B 198 24.58 -23.06 -8.69
N THR B 199 24.91 -24.15 -9.36
CA THR B 199 23.98 -25.14 -9.83
C THR B 199 24.48 -26.50 -9.40
N PRO B 200 23.58 -27.50 -9.32
CA PRO B 200 24.02 -28.88 -9.15
C PRO B 200 25.14 -29.17 -10.15
N PRO B 201 26.21 -29.87 -9.76
CA PRO B 201 26.38 -30.54 -8.47
C PRO B 201 26.88 -29.70 -7.28
N CYS B 202 27.02 -28.38 -7.47
CA CYS B 202 27.35 -27.46 -6.38
C CYS B 202 28.76 -27.68 -5.83
N ASN B 203 29.68 -28.19 -6.65
CA ASN B 203 31.00 -28.53 -6.14
C ASN B 203 31.69 -27.31 -5.56
N PRO B 204 32.29 -27.43 -4.35
CA PRO B 204 32.93 -26.28 -3.73
C PRO B 204 34.36 -26.09 -4.26
N THR B 205 34.56 -25.84 -5.58
CA THR B 205 35.88 -25.90 -6.23
C THR B 205 36.07 -24.64 -7.07
N VAL B 206 35.22 -23.58 -6.90
CA VAL B 206 35.38 -22.36 -7.71
C VAL B 206 35.89 -21.17 -6.90
N LEU B 207 36.88 -20.51 -7.54
CA LEU B 207 37.42 -19.23 -7.12
C LEU B 207 36.66 -18.15 -7.88
N TRP B 208 35.83 -17.39 -7.13
CA TRP B 208 34.99 -16.37 -7.72
C TRP B 208 35.69 -15.02 -7.74
N THR B 209 35.54 -14.35 -8.88
CA THR B 209 35.90 -12.95 -9.03
C THR B 209 34.66 -12.21 -9.54
N VAL B 210 34.10 -11.32 -8.72
CA VAL B 210 32.91 -10.53 -9.09
C VAL B 210 33.37 -9.09 -9.30
N PHE B 211 33.25 -8.60 -10.54
CA PHE B 211 33.71 -7.23 -10.76
C PHE B 211 32.83 -6.23 -10.01
N ARG B 212 33.44 -5.16 -9.52
CA ARG B 212 32.76 -4.15 -8.74
C ARG B 212 31.73 -3.43 -9.58
N ASN B 213 32.11 -3.08 -10.81
CA ASN B 213 31.28 -2.21 -11.61
C ASN B 213 30.39 -3.04 -12.52
N PRO B 214 29.08 -2.68 -12.62
CA PRO B 214 28.22 -3.38 -13.56
C PRO B 214 28.38 -2.88 -14.99
N VAL B 215 27.91 -3.69 -15.96
CA VAL B 215 27.65 -3.24 -17.32
C VAL B 215 26.16 -2.94 -17.46
N GLN B 216 25.82 -2.26 -18.56
CA GLN B 216 24.44 -1.97 -18.88
C GLN B 216 24.03 -2.70 -20.16
N ILE B 217 22.76 -3.12 -20.18
CA ILE B 217 22.04 -3.49 -21.37
C ILE B 217 20.73 -2.75 -21.39
N SER B 218 20.08 -2.65 -22.56
CA SER B 218 18.83 -1.87 -22.60
C SER B 218 17.68 -2.68 -22.01
N GLN B 219 16.62 -1.96 -21.68
CA GLN B 219 15.39 -2.58 -21.22
C GLN B 219 14.91 -3.60 -22.28
N GLU B 220 15.00 -3.25 -23.56
CA GLU B 220 14.59 -4.14 -24.65
C GLU B 220 15.46 -5.41 -24.70
N GLN B 221 16.78 -5.27 -24.53
CA GLN B 221 17.65 -6.43 -24.53
C GLN B 221 17.31 -7.35 -23.35
N LEU B 222 17.07 -6.77 -22.18
CA LEU B 222 16.76 -7.55 -21.00
C LEU B 222 15.45 -8.31 -21.21
N LEU B 223 14.42 -7.64 -21.74
CA LEU B 223 13.16 -8.30 -22.01
C LEU B 223 13.34 -9.44 -23.01
N ALA B 224 14.13 -9.20 -24.06
CA ALA B 224 14.39 -10.23 -25.04
C ALA B 224 14.97 -11.48 -24.35
N LEU B 225 16.00 -11.26 -23.52
CA LEU B 225 16.64 -12.39 -22.83
C LEU B 225 15.63 -13.16 -21.95
N GLU B 226 14.80 -12.42 -21.22
CA GLU B 226 13.84 -13.02 -20.29
C GLU B 226 12.72 -13.79 -20.98
N THR B 227 12.48 -13.48 -22.26
CA THR B 227 11.35 -14.04 -23.00
C THR B 227 11.75 -14.98 -24.13
N ALA B 228 13.06 -15.21 -24.38
CA ALA B 228 13.48 -15.91 -25.58
C ALA B 228 13.43 -17.42 -25.45
N LEU B 229 13.71 -17.95 -24.26
CA LEU B 229 14.09 -19.35 -24.14
C LEU B 229 13.11 -20.16 -23.30
N TYR B 230 13.12 -21.47 -23.57
CA TYR B 230 12.40 -22.49 -22.83
C TYR B 230 13.38 -23.53 -22.27
N CYS B 231 13.03 -24.05 -21.10
CA CYS B 231 13.77 -25.10 -20.44
C CYS B 231 13.52 -26.48 -21.02
N THR B 232 12.46 -26.62 -21.82
CA THR B 232 12.04 -27.92 -22.30
C THR B 232 12.49 -28.11 -23.75
N HIS B 233 12.54 -29.39 -24.16
CA HIS B 233 12.93 -29.81 -25.48
C HIS B 233 11.75 -29.63 -26.43
N MET B 234 12.03 -29.52 -27.73
CA MET B 234 10.94 -29.71 -28.65
C MET B 234 10.26 -31.05 -28.36
N ASP B 235 8.95 -31.09 -28.57
CA ASP B 235 8.15 -32.29 -28.37
C ASP B 235 7.90 -32.59 -26.88
N ASP B 236 8.24 -31.70 -25.94
CA ASP B 236 7.90 -31.90 -24.54
C ASP B 236 6.44 -31.50 -24.34
N PRO B 237 5.60 -32.33 -23.68
CA PRO B 237 4.15 -32.06 -23.52
C PRO B 237 3.77 -30.89 -22.60
N SER B 238 4.71 -30.47 -21.76
CA SER B 238 4.55 -29.29 -20.92
C SER B 238 5.83 -28.44 -21.10
N PRO B 239 5.75 -27.47 -22.07
CA PRO B 239 6.82 -26.48 -22.23
C PRO B 239 6.81 -25.52 -21.04
N ARG B 240 8.04 -25.14 -20.62
CA ARG B 240 8.29 -24.31 -19.46
C ARG B 240 9.30 -23.22 -19.89
N GLU B 241 8.93 -21.95 -19.75
CA GLU B 241 9.76 -20.84 -20.12
C GLU B 241 10.91 -20.70 -19.14
N MET B 242 12.05 -20.26 -19.67
CA MET B 242 13.28 -20.19 -18.91
C MET B 242 13.40 -18.80 -18.32
N ILE B 243 13.02 -18.70 -17.04
CA ILE B 243 12.98 -17.47 -16.26
C ILE B 243 13.49 -17.78 -14.85
N ASN B 244 13.96 -16.75 -14.14
CA ASN B 244 14.34 -16.88 -12.73
C ASN B 244 15.35 -18.01 -12.52
N ASN B 245 16.36 -18.07 -13.45
CA ASN B 245 17.38 -19.11 -13.40
C ASN B 245 18.60 -18.64 -12.60
N PHE B 246 18.38 -18.27 -11.36
CA PHE B 246 19.40 -17.83 -10.41
C PHE B 246 19.11 -18.52 -9.09
N ARG B 247 20.19 -18.80 -8.35
CA ARG B 247 20.09 -19.36 -7.02
C ARG B 247 19.98 -18.22 -6.00
N GLN B 248 19.20 -18.44 -4.94
CA GLN B 248 19.18 -17.52 -3.81
C GLN B 248 20.57 -17.45 -3.19
N VAL B 249 20.85 -16.31 -2.57
CA VAL B 249 22.11 -16.16 -1.85
C VAL B 249 22.15 -17.12 -0.66
N GLN B 250 23.38 -17.53 -0.30
CA GLN B 250 23.63 -18.53 0.70
C GLN B 250 24.12 -17.87 1.98
N LYS B 251 24.00 -18.57 3.11
CA LYS B 251 24.67 -18.13 4.32
C LYS B 251 26.16 -18.02 4.10
N PHE B 252 26.79 -17.03 4.73
CA PHE B 252 28.22 -16.79 4.62
C PHE B 252 28.72 -16.27 5.96
N ASP B 253 29.20 -17.20 6.80
CA ASP B 253 29.50 -16.96 8.19
C ASP B 253 30.93 -17.39 8.45
N GLU B 254 31.63 -16.65 9.33
CA GLU B 254 32.98 -16.94 9.79
C GLU B 254 33.96 -16.91 8.62
N ARG B 255 33.65 -16.08 7.64
CA ARG B 255 34.39 -16.07 6.39
C ARG B 255 34.36 -14.67 5.79
N LEU B 256 35.27 -14.42 4.86
CA LEU B 256 35.53 -13.10 4.32
C LEU B 256 35.57 -13.15 2.80
N VAL B 257 35.12 -12.05 2.23
CA VAL B 257 35.30 -11.74 0.84
C VAL B 257 36.38 -10.68 0.79
N TYR B 258 37.35 -10.88 -0.11
CA TYR B 258 38.45 -9.96 -0.22
C TYR B 258 38.16 -8.99 -1.36
N THR B 259 38.52 -7.71 -1.17
CA THR B 259 38.32 -6.73 -2.22
C THR B 259 39.68 -6.19 -2.69
N SER B 260 39.72 -5.82 -3.97
CA SER B 260 40.94 -5.21 -4.54
C SER B 260 40.82 -3.69 -4.47
N PHE B 261 39.78 -3.18 -3.79
CA PHE B 261 39.54 -1.76 -3.62
C PHE B 261 39.24 -1.48 -2.14
N SER B 262 39.68 -0.31 -1.64
CA SER B 262 39.50 0.03 -0.23
C SER B 262 38.14 0.66 0.00
N LYS C 3 -16.20 -2.09 13.44
CA LYS C 3 -17.36 -2.20 12.53
C LYS C 3 -17.43 -1.01 11.58
N TRP C 4 -17.76 0.23 12.03
CA TRP C 4 -17.66 1.38 11.13
C TRP C 4 -17.00 2.56 11.83
N THR C 5 -16.33 3.41 11.06
CA THR C 5 -15.59 4.56 11.56
C THR C 5 -15.79 5.75 10.63
N TYR C 6 -15.17 6.87 10.99
CA TYR C 6 -15.12 8.04 10.13
C TYR C 6 -13.76 8.25 9.47
N PHE C 7 -12.80 7.31 9.64
CA PHE C 7 -11.42 7.53 9.24
C PHE C 7 -10.81 6.17 8.97
N GLY C 8 -10.20 6.01 7.81
CA GLY C 8 -9.44 4.81 7.53
C GLY C 8 -10.30 3.77 6.83
N PRO C 9 -9.88 2.49 6.80
CA PRO C 9 -10.48 1.52 5.90
C PRO C 9 -11.93 1.15 6.19
N ASP C 10 -12.43 1.40 7.43
CA ASP C 10 -13.83 1.23 7.74
C ASP C 10 -14.60 2.55 7.76
N GLY C 11 -14.04 3.58 7.09
CA GLY C 11 -14.64 4.89 6.96
C GLY C 11 -15.76 4.94 5.92
N GLU C 12 -16.22 6.17 5.68
CA GLU C 12 -17.52 6.33 5.07
C GLU C 12 -17.62 5.82 3.63
N ASN C 13 -16.51 5.76 2.87
CA ASN C 13 -16.61 5.24 1.53
C ASN C 13 -16.77 3.73 1.50
N SER C 14 -16.56 3.06 2.64
CA SER C 14 -16.71 1.63 2.81
C SER C 14 -18.00 1.25 3.54
N TRP C 15 -18.78 2.23 4.03
CA TRP C 15 -19.98 1.89 4.78
C TRP C 15 -20.94 1.03 3.97
N SER C 16 -21.06 1.28 2.66
CA SER C 16 -21.97 0.54 1.81
C SER C 16 -21.66 -0.96 1.75
N LYS C 17 -20.39 -1.34 2.02
CA LYS C 17 -20.02 -2.76 2.08
C LYS C 17 -20.69 -3.48 3.24
N LYS C 18 -21.00 -2.73 4.28
CA LYS C 18 -21.54 -3.27 5.52
C LYS C 18 -23.02 -2.95 5.74
N TYR C 19 -23.52 -1.91 5.09
CA TYR C 19 -24.83 -1.34 5.28
C TYR C 19 -25.36 -0.93 3.92
N PRO C 20 -26.24 -1.72 3.30
CA PRO C 20 -26.62 -1.43 1.92
C PRO C 20 -27.23 -0.05 1.70
N SER C 21 -27.98 0.48 2.65
CA SER C 21 -28.64 1.76 2.44
C SER C 21 -27.62 2.91 2.33
N CYS C 22 -26.40 2.74 2.81
CA CYS C 22 -25.41 3.82 2.74
C CYS C 22 -24.99 4.16 1.31
N GLY C 23 -25.24 3.22 0.39
CA GLY C 23 -25.03 3.46 -1.04
C GLY C 23 -26.35 3.62 -1.82
N GLY C 24 -27.47 3.75 -1.09
CA GLY C 24 -28.77 3.88 -1.71
C GLY C 24 -29.17 5.34 -1.92
N LEU C 25 -30.50 5.54 -2.10
CA LEU C 25 -31.07 6.81 -2.41
C LEU C 25 -31.19 7.65 -1.15
N LEU C 26 -31.46 8.95 -1.36
CA LEU C 26 -31.92 9.91 -0.37
C LEU C 26 -30.93 10.09 0.77
N GLN C 27 -29.63 10.03 0.47
CA GLN C 27 -28.65 10.14 1.54
C GLN C 27 -28.42 11.59 1.99
N SER C 28 -28.11 11.70 3.27
CA SER C 28 -27.76 12.93 3.96
C SER C 28 -26.33 12.80 4.49
N PRO C 29 -25.65 13.93 4.85
CA PRO C 29 -26.12 15.31 4.75
C PRO C 29 -25.85 15.86 3.35
N ILE C 30 -26.20 17.14 3.17
CA ILE C 30 -26.10 17.81 1.88
C ILE C 30 -25.61 19.23 2.09
N ASP C 31 -25.10 19.81 0.98
CA ASP C 31 -24.81 21.22 0.91
C ASP C 31 -26.04 22.02 0.51
N LEU C 32 -26.36 23.00 1.35
CA LEU C 32 -27.52 23.88 1.17
C LEU C 32 -27.05 25.11 0.39
N HIS C 33 -27.40 25.19 -0.90
CA HIS C 33 -26.89 26.25 -1.77
C HIS C 33 -28.03 26.70 -2.69
N SER C 34 -27.93 27.91 -3.21
CA SER C 34 -29.01 28.61 -3.88
C SER C 34 -29.68 27.80 -4.99
N ASP C 35 -28.91 27.12 -5.84
CA ASP C 35 -29.41 26.45 -7.04
C ASP C 35 -30.46 25.39 -6.71
N ILE C 36 -30.43 24.83 -5.51
CA ILE C 36 -31.31 23.73 -5.16
C ILE C 36 -32.34 24.13 -4.08
N LEU C 37 -32.44 25.43 -3.73
CA LEU C 37 -33.45 25.89 -2.77
C LEU C 37 -34.72 26.31 -3.51
N GLN C 38 -35.85 25.99 -2.87
CA GLN C 38 -37.14 26.44 -3.36
C GLN C 38 -38.00 26.91 -2.18
N TYR C 39 -38.40 28.18 -2.20
CA TYR C 39 -39.30 28.69 -1.19
C TYR C 39 -40.63 27.93 -1.19
N ASP C 40 -41.13 27.58 0.02
CA ASP C 40 -42.40 26.89 0.13
C ASP C 40 -43.14 27.51 1.31
N ALA C 41 -44.16 28.30 0.98
CA ALA C 41 -44.94 28.98 1.99
C ALA C 41 -45.75 28.01 2.86
N SER C 42 -45.88 26.74 2.46
CA SER C 42 -46.59 25.76 3.27
C SER C 42 -45.74 25.26 4.45
N LEU C 43 -44.46 25.66 4.53
CA LEU C 43 -43.59 25.29 5.64
C LEU C 43 -43.81 26.23 6.83
N THR C 44 -44.69 25.82 7.75
CA THR C 44 -45.08 26.64 8.87
C THR C 44 -44.25 26.29 10.11
N PRO C 45 -44.34 27.11 11.19
CA PRO C 45 -43.47 26.85 12.33
C PRO C 45 -43.81 25.54 13.02
N LEU C 46 -42.79 24.81 13.43
CA LEU C 46 -42.92 23.70 14.33
C LEU C 46 -43.18 24.24 15.72
N GLU C 47 -43.88 23.41 16.50
CA GLU C 47 -44.05 23.63 17.92
C GLU C 47 -43.31 22.53 18.69
N PHE C 48 -42.51 22.92 19.69
CA PHE C 48 -41.65 22.04 20.47
C PHE C 48 -42.33 21.80 21.81
N GLN C 49 -42.98 20.65 21.93
CA GLN C 49 -43.83 20.36 23.08
C GLN C 49 -43.13 19.38 24.04
N GLY C 50 -43.25 19.65 25.35
CA GLY C 50 -42.60 18.82 26.34
C GLY C 50 -41.08 18.93 26.34
N TYR C 51 -40.53 19.97 25.68
CA TYR C 51 -39.09 20.17 25.62
C TYR C 51 -38.51 20.69 26.96
N ASN C 52 -39.36 21.25 27.83
CA ASN C 52 -38.97 21.75 29.15
C ASN C 52 -38.90 20.56 30.10
N LEU C 53 -37.80 19.81 30.01
CA LEU C 53 -37.64 18.58 30.78
C LEU C 53 -37.57 18.93 32.26
N SER C 54 -38.16 18.05 33.07
CA SER C 54 -38.21 18.27 34.50
C SER C 54 -36.81 18.37 35.11
N ALA C 55 -36.56 19.42 35.87
CA ALA C 55 -35.31 19.61 36.59
C ALA C 55 -35.17 18.61 37.74
N ASN C 56 -36.26 17.93 38.09
CA ASN C 56 -36.28 16.94 39.14
C ASN C 56 -36.00 15.55 38.59
N LYS C 57 -35.77 15.44 37.27
CA LYS C 57 -35.40 14.16 36.67
C LYS C 57 -33.99 14.30 36.05
N GLN C 58 -33.41 13.15 35.75
CA GLN C 58 -32.10 13.02 35.15
C GLN C 58 -32.23 12.20 33.87
N PHE C 59 -31.36 12.54 32.91
CA PHE C 59 -31.40 11.92 31.60
C PHE C 59 -30.00 11.40 31.27
N LEU C 60 -29.96 10.21 30.64
CA LEU C 60 -28.72 9.48 30.47
C LEU C 60 -27.93 10.02 29.28
N LEU C 61 -26.66 10.39 29.55
CA LEU C 61 -25.68 10.78 28.57
C LEU C 61 -24.70 9.63 28.37
N THR C 62 -24.50 9.22 27.12
CA THR C 62 -23.70 8.05 26.84
C THR C 62 -22.67 8.39 25.75
N ASN C 63 -21.43 7.93 25.94
CA ASN C 63 -20.45 7.83 24.86
C ASN C 63 -20.67 6.50 24.18
N ASN C 64 -21.21 6.50 22.95
CA ASN C 64 -21.49 5.24 22.27
C ASN C 64 -20.38 4.79 21.34
N GLY C 65 -19.19 5.44 21.42
CA GLY C 65 -18.07 5.08 20.57
C GLY C 65 -18.01 5.87 19.28
N HIS C 66 -19.10 6.56 18.93
CA HIS C 66 -19.15 7.35 17.71
C HIS C 66 -19.48 8.80 17.97
N SER C 67 -20.28 9.07 19.00
CA SER C 67 -20.67 10.40 19.43
C SER C 67 -20.96 10.35 20.92
N VAL C 68 -21.43 11.47 21.45
CA VAL C 68 -22.09 11.51 22.74
C VAL C 68 -23.58 11.77 22.52
N LYS C 69 -24.41 10.91 23.13
CA LYS C 69 -25.84 11.06 22.99
C LYS C 69 -26.50 11.28 24.35
N LEU C 70 -27.61 12.00 24.33
CA LEU C 70 -28.47 12.20 25.50
C LEU C 70 -29.84 11.60 25.21
N ASN C 71 -30.26 10.64 26.04
CA ASN C 71 -31.58 10.06 25.90
C ASN C 71 -32.65 11.09 26.25
N LEU C 72 -33.71 11.06 25.46
CA LEU C 72 -34.82 11.97 25.63
C LEU C 72 -36.12 11.19 25.80
N PRO C 73 -37.10 11.73 26.56
CA PRO C 73 -38.34 11.02 26.83
C PRO C 73 -39.31 11.19 25.66
N SER C 74 -40.18 10.18 25.48
CA SER C 74 -41.08 10.15 24.36
C SER C 74 -42.24 11.13 24.55
N ASP C 75 -42.36 11.75 25.74
CA ASP C 75 -43.40 12.75 25.87
C ASP C 75 -42.95 14.08 25.24
N MET C 76 -41.66 14.18 24.92
CA MET C 76 -41.24 15.33 24.19
C MET C 76 -41.61 15.10 22.71
N HIS C 77 -42.16 16.09 22.02
CA HIS C 77 -42.48 15.83 20.63
C HIS C 77 -42.61 17.12 19.81
N ILE C 78 -42.62 16.92 18.48
CA ILE C 78 -42.78 17.98 17.49
C ILE C 78 -44.23 17.94 17.05
N GLN C 79 -44.85 19.11 17.07
CA GLN C 79 -46.15 19.34 16.49
C GLN C 79 -45.99 20.20 15.24
N GLY C 80 -46.79 19.92 14.20
CA GLY C 80 -46.81 20.75 13.00
C GLY C 80 -46.59 19.92 11.73
N LEU C 81 -46.12 18.68 11.88
CA LEU C 81 -45.95 17.80 10.74
C LEU C 81 -47.21 16.95 10.59
N GLN C 82 -47.33 16.20 9.48
CA GLN C 82 -48.54 15.42 9.24
C GLN C 82 -48.80 14.45 10.40
N SER C 83 -47.74 13.82 10.90
CA SER C 83 -47.74 12.96 12.05
C SER C 83 -47.09 13.66 13.24
N ARG C 84 -47.42 13.24 14.47
CA ARG C 84 -46.57 13.56 15.59
C ARG C 84 -45.27 12.76 15.55
N TYR C 85 -44.16 13.45 15.87
CA TYR C 85 -42.87 12.79 16.04
C TYR C 85 -42.43 13.02 17.48
N SER C 86 -42.12 11.95 18.19
CA SER C 86 -41.64 12.04 19.55
C SER C 86 -40.14 11.82 19.65
N ALA C 87 -39.58 12.48 20.65
CA ALA C 87 -38.14 12.46 20.78
C ALA C 87 -37.66 11.09 21.25
N THR C 88 -36.41 10.78 20.83
CA THR C 88 -35.69 9.62 21.30
C THR C 88 -34.31 9.96 21.89
N GLN C 89 -33.55 10.85 21.25
CA GLN C 89 -32.19 11.20 21.71
C GLN C 89 -31.71 12.43 20.95
N LEU C 90 -30.68 13.07 21.51
CA LEU C 90 -29.91 14.04 20.74
C LEU C 90 -28.45 13.65 20.81
N HIS C 91 -27.67 14.14 19.81
CA HIS C 91 -26.23 13.89 19.74
C HIS C 91 -25.61 15.02 18.90
N LEU C 92 -24.27 14.97 18.82
CA LEU C 92 -23.50 15.99 18.10
C LEU C 92 -22.52 15.38 17.12
N HIS C 93 -22.08 16.28 16.22
CA HIS C 93 -21.01 16.03 15.26
C HIS C 93 -20.05 17.21 15.29
N TRP C 94 -18.74 16.92 15.16
CA TRP C 94 -17.70 17.94 15.24
C TRP C 94 -16.44 17.52 14.48
N GLY C 95 -15.52 18.49 14.40
CA GLY C 95 -14.26 18.35 13.65
C GLY C 95 -13.10 18.04 14.59
N ASN C 96 -12.04 18.85 14.51
CA ASN C 96 -10.87 18.61 15.34
C ASN C 96 -10.17 19.96 15.53
N PRO C 97 -9.25 20.12 16.52
CA PRO C 97 -8.69 21.44 16.78
C PRO C 97 -7.89 22.03 15.62
N ASN C 98 -7.32 21.19 14.74
CA ASN C 98 -6.55 21.69 13.60
C ASN C 98 -7.46 22.11 12.45
N ASP C 99 -8.73 21.67 12.44
CA ASP C 99 -9.64 22.03 11.37
C ASP C 99 -11.04 21.99 11.99
N PRO C 100 -11.38 23.03 12.76
CA PRO C 100 -12.58 23.01 13.62
C PRO C 100 -13.85 23.34 12.86
N HIS C 101 -14.16 22.52 11.88
CA HIS C 101 -15.24 22.77 10.95
C HIS C 101 -15.98 21.49 10.62
N GLY C 102 -16.71 20.94 11.59
CA GLY C 102 -17.22 19.58 11.52
C GLY C 102 -18.74 19.47 11.56
N SER C 103 -19.46 20.52 11.11
CA SER C 103 -20.89 20.31 10.84
C SER C 103 -21.08 19.25 9.77
N GLU C 104 -22.24 18.62 9.71
CA GLU C 104 -22.59 17.71 8.65
C GLU C 104 -23.14 18.45 7.44
N HIS C 105 -24.23 19.18 7.65
CA HIS C 105 -24.72 20.07 6.62
C HIS C 105 -23.73 21.24 6.41
N THR C 106 -23.64 21.71 5.18
CA THR C 106 -22.87 22.89 4.87
C THR C 106 -23.83 23.89 4.21
N VAL C 107 -23.45 25.18 4.25
CA VAL C 107 -24.28 26.24 3.71
C VAL C 107 -23.41 27.02 2.75
N SER C 108 -23.77 26.98 1.47
CA SER C 108 -22.96 27.58 0.43
C SER C 108 -21.52 27.09 0.52
N GLY C 109 -21.36 25.78 0.75
CA GLY C 109 -20.10 25.06 0.77
C GLY C 109 -19.32 25.16 2.07
N GLN C 110 -19.80 25.98 3.00
CA GLN C 110 -19.11 26.24 4.26
C GLN C 110 -19.61 25.35 5.41
N HIS C 111 -18.63 24.73 6.10
CA HIS C 111 -18.96 24.04 7.33
C HIS C 111 -19.05 25.02 8.47
N PHE C 112 -19.94 24.71 9.37
CA PHE C 112 -19.91 25.29 10.71
C PHE C 112 -19.02 24.43 11.60
N ALA C 113 -18.80 24.89 12.82
CA ALA C 113 -17.92 24.24 13.76
C ALA C 113 -18.42 22.86 14.13
N ALA C 114 -19.75 22.74 14.36
CA ALA C 114 -20.33 21.49 14.83
C ALA C 114 -21.80 21.51 14.45
N GLU C 115 -22.51 20.42 14.82
CA GLU C 115 -23.94 20.31 14.53
C GLU C 115 -24.59 19.45 15.61
N LEU C 116 -25.75 19.92 16.09
CA LEU C 116 -26.59 19.20 17.04
C LEU C 116 -27.79 18.62 16.30
N HIS C 117 -28.06 17.34 16.57
CA HIS C 117 -29.23 16.66 16.02
C HIS C 117 -30.13 16.15 17.13
N ILE C 118 -31.44 16.49 16.99
CA ILE C 118 -32.46 16.02 17.93
C ILE C 118 -33.36 15.06 17.15
N VAL C 119 -33.21 13.78 17.48
CA VAL C 119 -33.81 12.68 16.72
C VAL C 119 -35.21 12.36 17.29
N HIS C 120 -36.19 12.28 16.40
CA HIS C 120 -37.55 11.92 16.76
C HIS C 120 -38.03 10.79 15.86
N TYR C 121 -39.07 10.07 16.31
CA TYR C 121 -39.68 8.99 15.56
C TYR C 121 -41.19 9.25 15.44
N ASN C 122 -41.76 8.63 14.40
CA ASN C 122 -43.18 8.77 14.13
C ASN C 122 -43.98 7.89 15.08
N SER C 123 -44.42 8.51 16.18
CA SER C 123 -45.13 7.78 17.21
C SER C 123 -46.62 7.59 16.89
N ASP C 124 -47.13 8.31 15.89
CA ASP C 124 -48.47 8.01 15.39
C ASP C 124 -48.50 6.69 14.61
N LEU C 125 -47.41 6.37 13.86
CA LEU C 125 -47.36 5.20 12.98
C LEU C 125 -46.68 4.01 13.67
N TYR C 126 -45.73 4.25 14.58
CA TYR C 126 -44.80 3.24 15.08
C TYR C 126 -44.65 3.32 16.60
N PRO C 127 -44.34 2.17 17.25
CA PRO C 127 -44.31 2.13 18.72
C PRO C 127 -43.05 2.67 19.39
N ASP C 128 -41.97 2.73 18.62
CA ASP C 128 -40.67 3.10 19.16
C ASP C 128 -39.73 3.45 18.01
N ALA C 129 -38.63 4.08 18.35
CA ALA C 129 -37.71 4.60 17.34
C ALA C 129 -37.04 3.48 16.56
N SER C 130 -36.70 2.36 17.20
CA SER C 130 -36.00 1.30 16.48
C SER C 130 -36.92 0.71 15.40
N THR C 131 -38.20 0.48 15.75
CA THR C 131 -39.19 -0.02 14.80
C THR C 131 -39.36 0.98 13.64
N ALA C 132 -39.46 2.28 13.99
CA ALA C 132 -39.73 3.31 13.00
C ALA C 132 -38.57 3.47 12.00
N SER C 133 -37.35 3.12 12.43
CA SER C 133 -36.16 3.62 11.76
C SER C 133 -36.02 3.15 10.32
N ASN C 134 -36.59 1.99 9.97
CA ASN C 134 -36.49 1.47 8.62
C ASN C 134 -37.87 1.47 7.93
N LYS C 135 -38.82 2.30 8.39
CA LYS C 135 -40.15 2.34 7.81
C LYS C 135 -40.49 3.72 7.27
N SER C 136 -41.52 3.75 6.41
CA SER C 136 -42.03 4.95 5.75
C SER C 136 -42.29 6.06 6.76
N GLU C 137 -41.70 7.24 6.51
CA GLU C 137 -41.91 8.39 7.35
C GLU C 137 -41.59 8.09 8.82
N GLY C 138 -40.55 7.29 9.03
CA GLY C 138 -40.25 6.80 10.35
C GLY C 138 -39.65 7.86 11.28
N LEU C 139 -38.75 8.71 10.74
CA LEU C 139 -37.93 9.57 11.60
C LEU C 139 -38.00 11.04 11.15
N ALA C 140 -37.77 11.93 12.12
CA ALA C 140 -37.63 13.35 11.85
C ALA C 140 -36.52 13.87 12.75
N VAL C 141 -35.53 14.53 12.12
CA VAL C 141 -34.40 15.07 12.87
C VAL C 141 -34.37 16.58 12.74
N LEU C 142 -34.18 17.27 13.86
CA LEU C 142 -33.94 18.70 13.90
C LEU C 142 -32.42 18.91 13.97
N ALA C 143 -31.90 19.79 13.10
CA ALA C 143 -30.46 20.07 13.04
C ALA C 143 -30.23 21.54 13.36
N VAL C 144 -29.31 21.76 14.31
CA VAL C 144 -28.84 23.08 14.68
C VAL C 144 -27.35 23.18 14.30
N LEU C 145 -27.07 24.17 13.45
CA LEU C 145 -25.70 24.47 13.09
C LEU C 145 -25.03 25.24 14.23
N ILE C 146 -23.79 24.89 14.55
CA ILE C 146 -23.09 25.45 15.70
C ILE C 146 -21.84 26.17 15.20
N GLU C 147 -21.78 27.46 15.53
CA GLU C 147 -20.67 28.36 15.18
C GLU C 147 -19.84 28.63 16.43
N MET C 148 -18.54 28.84 16.23
CA MET C 148 -17.71 29.17 17.38
C MET C 148 -17.83 30.68 17.61
N GLY C 149 -18.16 31.06 18.85
CA GLY C 149 -18.25 32.46 19.21
C GLY C 149 -18.48 32.64 20.71
N SER C 150 -19.69 33.09 21.04
CA SER C 150 -20.10 33.29 22.43
C SER C 150 -20.30 31.99 23.20
N PHE C 151 -19.88 32.01 24.47
CA PHE C 151 -20.25 30.98 25.44
C PHE C 151 -21.78 30.77 25.44
N ASN C 152 -22.16 29.51 25.59
CA ASN C 152 -23.57 29.14 25.59
C ASN C 152 -23.86 28.35 26.86
N PRO C 153 -24.55 28.97 27.85
CA PRO C 153 -24.86 28.30 29.12
C PRO C 153 -25.70 27.04 28.93
N SER C 154 -26.63 27.09 27.97
CA SER C 154 -27.52 25.95 27.74
C SER C 154 -26.78 24.73 27.19
N TYR C 155 -25.93 24.91 26.18
CA TYR C 155 -25.10 23.80 25.73
C TYR C 155 -24.18 23.28 26.87
N ASP C 156 -23.70 24.18 27.74
CA ASP C 156 -22.84 23.76 28.82
C ASP C 156 -23.57 22.83 29.81
N LYS C 157 -24.91 22.81 29.81
CA LYS C 157 -25.60 21.82 30.63
C LYS C 157 -25.29 20.38 30.19
N ILE C 158 -24.96 20.22 28.92
CA ILE C 158 -24.44 18.96 28.40
C ILE C 158 -22.92 18.92 28.57
N PHE C 159 -22.24 19.94 28.05
CA PHE C 159 -20.81 19.84 27.93
C PHE C 159 -20.07 19.75 29.26
N SER C 160 -20.68 20.26 30.33
CA SER C 160 -20.07 20.21 31.64
C SER C 160 -19.89 18.76 32.13
N HIS C 161 -20.51 17.78 31.48
CA HIS C 161 -20.41 16.37 31.86
C HIS C 161 -19.48 15.56 30.97
N LEU C 162 -18.87 16.20 29.97
CA LEU C 162 -18.03 15.48 29.02
C LEU C 162 -16.84 14.75 29.64
N GLN C 163 -16.23 15.29 30.71
CA GLN C 163 -15.12 14.64 31.36
C GLN C 163 -15.52 13.41 32.15
N HIS C 164 -16.80 13.09 32.17
CA HIS C 164 -17.26 11.88 32.83
C HIS C 164 -17.85 10.85 31.87
N VAL C 165 -17.77 11.10 30.56
CA VAL C 165 -18.11 10.10 29.56
C VAL C 165 -17.01 10.03 28.50
N LYS C 166 -15.75 10.08 28.95
CA LYS C 166 -14.62 10.18 28.05
C LYS C 166 -14.43 8.96 27.16
N TYR C 167 -14.81 7.77 27.64
CA TYR C 167 -14.55 6.54 26.94
C TYR C 167 -15.82 5.83 26.52
N LYS C 168 -15.64 4.95 25.53
CA LYS C 168 -16.76 4.22 24.95
C LYS C 168 -17.50 3.46 26.04
N GLY C 169 -18.83 3.59 26.01
CA GLY C 169 -19.68 2.88 26.93
C GLY C 169 -19.97 3.63 28.23
N GLN C 170 -19.21 4.69 28.54
CA GLN C 170 -19.38 5.40 29.78
C GLN C 170 -20.66 6.24 29.72
N GLU C 171 -21.27 6.40 30.91
CA GLU C 171 -22.56 7.04 31.06
C GLU C 171 -22.50 8.04 32.21
N ALA C 172 -23.24 9.13 32.06
CA ALA C 172 -23.45 10.10 33.12
C ALA C 172 -24.88 10.58 33.08
N PHE C 173 -25.35 11.17 34.17
CA PHE C 173 -26.69 11.75 34.22
C PHE C 173 -26.64 13.27 34.05
N VAL C 174 -27.58 13.79 33.25
CA VAL C 174 -27.74 15.22 33.06
C VAL C 174 -29.11 15.60 33.60
N PRO C 175 -29.20 16.53 34.58
CA PRO C 175 -30.51 16.97 35.04
C PRO C 175 -31.33 17.62 33.92
N GLY C 176 -32.64 17.42 33.97
CA GLY C 176 -33.50 18.01 32.97
C GLY C 176 -33.31 19.52 32.88
N PHE C 177 -33.44 20.00 31.65
CA PHE C 177 -33.40 21.41 31.32
C PHE C 177 -34.24 21.61 30.08
N ASN C 178 -34.45 22.86 29.72
CA ASN C 178 -35.28 23.17 28.58
C ASN C 178 -34.48 23.00 27.30
N ILE C 179 -34.78 21.92 26.58
CA ILE C 179 -34.10 21.61 25.33
C ILE C 179 -34.35 22.68 24.26
N GLU C 180 -35.46 23.44 24.32
CA GLU C 180 -35.64 24.53 23.38
C GLU C 180 -34.53 25.57 23.48
N GLU C 181 -33.85 25.65 24.65
CA GLU C 181 -32.72 26.56 24.78
C GLU C 181 -31.56 26.20 23.84
N LEU C 182 -31.51 24.98 23.31
CA LEU C 182 -30.46 24.57 22.37
C LEU C 182 -30.75 25.05 20.95
N LEU C 183 -31.97 25.54 20.70
CA LEU C 183 -32.39 25.93 19.37
C LEU C 183 -32.00 27.36 19.13
N PRO C 184 -31.85 27.74 17.85
CA PRO C 184 -31.44 29.08 17.48
C PRO C 184 -32.63 30.04 17.50
N GLU C 185 -32.28 31.28 17.17
CA GLU C 185 -33.25 32.33 16.92
C GLU C 185 -34.05 32.02 15.65
N ARG C 186 -35.34 32.42 15.68
CA ARG C 186 -36.21 32.38 14.50
C ARG C 186 -36.30 30.96 13.96
N THR C 187 -36.69 30.04 14.84
CA THR C 187 -36.88 28.67 14.41
C THR C 187 -37.88 28.51 13.27
N ALA C 188 -38.73 29.52 13.02
CA ALA C 188 -39.64 29.48 11.90
C ALA C 188 -38.89 29.43 10.56
N GLU C 189 -37.63 29.85 10.52
CA GLU C 189 -36.82 29.87 9.32
C GLU C 189 -35.95 28.61 9.27
N TYR C 190 -36.20 27.75 8.28
CA TYR C 190 -35.54 26.47 8.19
C TYR C 190 -35.52 25.99 6.73
N TYR C 191 -34.62 25.03 6.53
CA TYR C 191 -34.50 24.19 5.34
C TYR C 191 -35.17 22.84 5.65
N ARG C 192 -35.89 22.28 4.68
CA ARG C 192 -36.59 21.01 4.85
C ARG C 192 -36.36 20.13 3.63
N TYR C 193 -36.00 18.86 3.87
CA TYR C 193 -35.81 17.93 2.76
C TYR C 193 -35.91 16.51 3.30
N ARG C 194 -36.20 15.56 2.40
CA ARG C 194 -36.26 14.14 2.69
C ARG C 194 -34.87 13.53 2.50
N GLY C 195 -34.39 12.87 3.54
CA GLY C 195 -33.07 12.28 3.49
C GLY C 195 -32.98 11.05 4.38
N SER C 196 -31.80 10.89 4.98
CA SER C 196 -31.45 9.62 5.60
C SER C 196 -30.77 9.86 6.94
N LEU C 197 -30.57 8.79 7.68
CA LEU C 197 -29.57 8.78 8.73
C LEU C 197 -28.20 9.10 8.11
N THR C 198 -27.38 9.85 8.84
CA THR C 198 -26.02 10.17 8.36
C THR C 198 -24.96 9.20 8.87
N THR C 199 -25.40 8.14 9.56
CA THR C 199 -24.54 7.06 10.00
C THR C 199 -25.19 5.78 9.56
N PRO C 200 -24.41 4.69 9.51
CA PRO C 200 -25.03 3.38 9.42
C PRO C 200 -26.18 3.24 10.40
N PRO C 201 -27.30 2.60 10.01
CA PRO C 201 -27.52 1.92 8.72
C PRO C 201 -27.93 2.81 7.54
N CYS C 202 -27.94 4.13 7.71
CA CYS C 202 -28.17 5.07 6.61
C CYS C 202 -29.58 4.98 6.03
N ASN C 203 -30.58 4.58 6.84
CA ASN C 203 -31.91 4.37 6.32
C ASN C 203 -32.44 5.66 5.74
N PRO C 204 -33.07 5.61 4.55
CA PRO C 204 -33.62 6.81 3.91
C PRO C 204 -35.02 7.20 4.39
N THR C 205 -35.14 7.39 5.72
CA THR C 205 -36.41 7.50 6.39
C THR C 205 -36.51 8.76 7.23
N VAL C 206 -35.66 9.75 6.98
CA VAL C 206 -35.58 10.96 7.80
C VAL C 206 -36.12 12.17 7.08
N LEU C 207 -37.08 12.82 7.72
CA LEU C 207 -37.49 14.16 7.36
C LEU C 207 -36.58 15.15 8.09
N TRP C 208 -35.71 15.84 7.35
CA TRP C 208 -34.78 16.78 7.94
C TRP C 208 -35.32 18.19 8.00
N THR C 209 -35.08 18.83 9.14
CA THR C 209 -35.33 20.22 9.32
C THR C 209 -34.02 20.82 9.84
N VAL C 210 -33.40 21.65 9.01
CA VAL C 210 -32.15 22.33 9.39
C VAL C 210 -32.46 23.79 9.63
N PHE C 211 -32.29 24.28 10.85
CA PHE C 211 -32.65 25.67 11.11
C PHE C 211 -31.69 26.59 10.35
N ARG C 212 -32.24 27.71 9.85
CA ARG C 212 -31.44 28.64 9.07
C ARG C 212 -30.30 29.26 9.87
N ASN C 213 -30.56 29.65 11.12
CA ASN C 213 -29.63 30.40 11.92
C ASN C 213 -28.85 29.49 12.84
N PRO C 214 -27.51 29.67 12.93
CA PRO C 214 -26.70 28.90 13.87
C PRO C 214 -26.88 29.42 15.29
N VAL C 215 -26.47 28.59 16.23
CA VAL C 215 -26.16 29.01 17.57
C VAL C 215 -24.64 29.17 17.71
N GLN C 216 -24.20 29.84 18.77
CA GLN C 216 -22.79 29.94 19.11
C GLN C 216 -22.49 29.20 20.40
N ILE C 217 -21.32 28.59 20.43
CA ILE C 217 -20.63 28.10 21.63
C ILE C 217 -19.22 28.69 21.68
N SER C 218 -18.59 28.77 22.85
CA SER C 218 -17.28 29.39 22.94
C SER C 218 -16.16 28.50 22.37
N GLN C 219 -15.00 29.11 22.18
CA GLN C 219 -13.79 28.37 21.82
C GLN C 219 -13.54 27.26 22.83
N GLU C 220 -13.67 27.56 24.15
CA GLU C 220 -13.36 26.57 25.18
C GLU C 220 -14.36 25.44 25.14
N GLN C 221 -15.64 25.76 24.91
CA GLN C 221 -16.65 24.73 24.77
C GLN C 221 -16.38 23.82 23.58
N LEU C 222 -16.06 24.43 22.43
CA LEU C 222 -15.78 23.66 21.24
C LEU C 222 -14.55 22.77 21.47
N LEU C 223 -13.50 23.33 22.09
CA LEU C 223 -12.30 22.56 22.34
C LEU C 223 -12.57 21.38 23.26
N ALA C 224 -13.40 21.60 24.28
CA ALA C 224 -13.81 20.51 25.16
C ALA C 224 -14.45 19.40 24.33
N LEU C 225 -15.43 19.76 23.50
CA LEU C 225 -16.10 18.78 22.69
C LEU C 225 -15.14 17.99 21.81
N GLU C 226 -14.13 18.69 21.24
CA GLU C 226 -13.19 18.09 20.30
C GLU C 226 -12.08 17.27 20.97
N THR C 227 -11.84 17.49 22.28
CA THR C 227 -10.69 16.87 22.94
C THR C 227 -11.07 15.97 24.12
N ALA C 228 -12.32 15.99 24.59
CA ALA C 228 -12.65 15.23 25.80
C ALA C 228 -12.82 13.74 25.57
N LEU C 229 -13.21 13.36 24.34
CA LEU C 229 -13.79 12.04 24.15
C LEU C 229 -12.95 11.14 23.26
N TYR C 230 -13.08 9.84 23.52
CA TYR C 230 -12.40 8.78 22.83
C TYR C 230 -13.42 7.79 22.27
N CYS C 231 -13.09 7.21 21.12
CA CYS C 231 -13.94 6.19 20.54
C CYS C 231 -13.71 4.84 21.22
N THR C 232 -12.59 4.72 21.95
CA THR C 232 -12.12 3.44 22.48
C THR C 232 -12.50 3.31 23.95
N HIS C 233 -12.33 2.11 24.52
CA HIS C 233 -12.63 1.86 25.92
C HIS C 233 -11.51 2.38 26.81
N MET C 234 -11.85 2.63 28.07
CA MET C 234 -10.94 3.28 29.02
C MET C 234 -9.60 2.54 29.14
N ASP C 235 -9.61 1.20 29.04
CA ASP C 235 -8.40 0.43 29.34
C ASP C 235 -7.56 0.15 28.08
N ASP C 236 -7.83 0.84 26.96
CA ASP C 236 -7.13 0.56 25.71
C ASP C 236 -5.74 1.18 25.73
N PRO C 237 -4.67 0.39 25.53
CA PRO C 237 -3.31 0.94 25.46
C PRO C 237 -3.09 1.96 24.34
N SER C 238 -3.93 1.86 23.29
CA SER C 238 -3.84 2.68 22.09
C SER C 238 -5.11 3.50 21.89
N PRO C 239 -5.31 4.61 22.64
CA PRO C 239 -6.55 5.39 22.53
C PRO C 239 -6.79 5.99 21.15
N ARG C 240 -8.09 6.08 20.75
CA ARG C 240 -8.46 6.69 19.47
C ARG C 240 -9.36 7.90 19.78
N GLU C 241 -8.89 9.12 19.51
CA GLU C 241 -9.68 10.30 19.78
C GLU C 241 -10.99 10.33 18.96
N MET C 242 -12.07 10.81 19.59
CA MET C 242 -13.32 10.99 18.90
C MET C 242 -13.37 12.40 18.29
N ILE C 243 -12.99 12.45 17.01
CA ILE C 243 -12.85 13.66 16.22
C ILE C 243 -13.42 13.39 14.84
N ASN C 244 -13.78 14.45 14.13
CA ASN C 244 -14.13 14.36 12.73
C ASN C 244 -15.24 13.33 12.51
N ASN C 245 -16.26 13.37 13.40
CA ASN C 245 -17.34 12.41 13.37
C ASN C 245 -18.55 12.96 12.62
N PHE C 246 -18.28 13.41 11.39
CA PHE C 246 -19.27 13.91 10.47
C PHE C 246 -19.14 13.17 9.16
N ARG C 247 -20.22 13.02 8.41
CA ARG C 247 -20.16 12.45 7.07
C ARG C 247 -20.02 13.57 6.05
N GLN C 248 -19.26 13.29 4.97
CA GLN C 248 -19.21 14.24 3.85
C GLN C 248 -20.62 14.44 3.26
N VAL C 249 -20.80 15.60 2.62
CA VAL C 249 -22.06 15.86 1.92
C VAL C 249 -22.23 14.93 0.72
N GLN C 250 -23.48 14.63 0.40
CA GLN C 250 -23.88 13.66 -0.60
C GLN C 250 -24.33 14.35 -1.88
N LYS C 251 -24.23 13.64 -3.01
CA LYS C 251 -24.90 14.12 -4.21
C LYS C 251 -26.38 14.40 -3.96
N PHE C 252 -26.88 15.45 -4.62
CA PHE C 252 -28.25 15.88 -4.50
C PHE C 252 -28.69 16.44 -5.84
N ASP C 253 -29.11 15.56 -6.75
CA ASP C 253 -29.44 15.93 -8.12
C ASP C 253 -30.93 15.62 -8.31
N GLU C 254 -31.64 16.56 -8.95
CA GLU C 254 -33.05 16.41 -9.25
C GLU C 254 -33.91 16.37 -7.99
N ARG C 255 -33.29 16.69 -6.83
CA ARG C 255 -33.98 16.84 -5.56
C ARG C 255 -33.97 18.32 -5.18
N LEU C 256 -34.93 18.77 -4.37
CA LEU C 256 -34.90 20.15 -3.95
C LEU C 256 -34.92 20.23 -2.43
N VAL C 257 -34.40 21.35 -1.94
CA VAL C 257 -34.56 21.67 -0.54
C VAL C 257 -35.56 22.81 -0.44
N TYR C 258 -36.57 22.62 0.41
CA TYR C 258 -37.64 23.60 0.57
C TYR C 258 -37.29 24.52 1.72
N THR C 259 -37.54 25.83 1.56
CA THR C 259 -37.20 26.79 2.57
C THR C 259 -38.44 27.57 3.01
N SER C 260 -38.48 27.87 4.31
CA SER C 260 -39.57 28.68 4.86
C SER C 260 -39.27 30.17 4.81
N PHE C 261 -38.11 30.53 4.30
CA PHE C 261 -37.62 31.89 4.08
C PHE C 261 -37.27 32.02 2.59
N SER C 262 -37.20 33.24 2.04
CA SER C 262 -36.86 33.43 0.62
C SER C 262 -35.43 33.96 0.49
N LYS D 3 -19.61 -0.68 -14.98
CA LYS D 3 -19.92 -1.21 -13.63
C LYS D 3 -19.77 -0.16 -12.53
N TRP D 4 -19.57 1.09 -12.89
CA TRP D 4 -19.64 2.18 -11.94
C TRP D 4 -20.28 3.40 -12.60
N THR D 5 -20.93 4.22 -11.79
CA THR D 5 -21.55 5.47 -12.23
C THR D 5 -21.31 6.58 -11.23
N TYR D 6 -21.86 7.77 -11.53
CA TYR D 6 -21.89 8.89 -10.59
C TYR D 6 -23.26 9.14 -9.93
N PHE D 7 -24.23 8.26 -10.17
CA PHE D 7 -25.60 8.50 -9.70
C PHE D 7 -26.30 7.17 -9.46
N GLY D 8 -26.95 7.03 -8.31
CA GLY D 8 -27.79 5.88 -8.10
C GLY D 8 -27.04 4.71 -7.47
N PRO D 9 -27.50 3.48 -7.69
CA PRO D 9 -27.01 2.31 -6.95
C PRO D 9 -25.54 1.98 -7.16
N ASP D 10 -25.01 2.34 -8.34
CA ASP D 10 -23.61 2.09 -8.66
C ASP D 10 -22.74 3.34 -8.51
N GLY D 11 -23.29 4.37 -7.86
CA GLY D 11 -22.60 5.61 -7.59
C GLY D 11 -21.48 5.50 -6.56
N GLU D 12 -20.91 6.67 -6.24
CA GLU D 12 -19.60 6.72 -5.63
C GLU D 12 -19.51 6.08 -4.26
N ASN D 13 -20.61 6.03 -3.48
CA ASN D 13 -20.52 5.37 -2.19
C ASN D 13 -20.38 3.85 -2.31
N SER D 14 -20.63 3.31 -3.51
CA SER D 14 -20.52 1.87 -3.76
C SER D 14 -19.24 1.49 -4.51
N TRP D 15 -18.43 2.47 -4.96
CA TRP D 15 -17.25 2.13 -5.74
C TRP D 15 -16.34 1.17 -4.98
N SER D 16 -16.24 1.32 -3.65
CA SER D 16 -15.33 0.53 -2.85
C SER D 16 -15.65 -0.96 -2.89
N LYS D 17 -16.88 -1.36 -3.30
CA LYS D 17 -17.24 -2.76 -3.31
C LYS D 17 -16.33 -3.55 -4.24
N LYS D 18 -16.16 -3.03 -5.46
CA LYS D 18 -15.36 -3.71 -6.46
C LYS D 18 -14.02 -3.04 -6.70
N TYR D 19 -13.82 -1.83 -6.16
CA TYR D 19 -12.61 -1.06 -6.34
C TYR D 19 -12.16 -0.64 -4.95
N PRO D 20 -11.48 -1.51 -4.20
CA PRO D 20 -11.20 -1.20 -2.81
C PRO D 20 -10.45 0.11 -2.56
N SER D 21 -9.57 0.52 -3.47
CA SER D 21 -8.81 1.73 -3.21
C SER D 21 -9.72 2.95 -3.10
N CYS D 22 -10.95 2.89 -3.64
CA CYS D 22 -11.87 4.01 -3.53
C CYS D 22 -12.26 4.26 -2.06
N GLY D 23 -12.10 3.25 -1.19
CA GLY D 23 -12.24 3.43 0.24
C GLY D 23 -10.91 3.44 0.99
N GLY D 24 -9.82 3.70 0.29
CA GLY D 24 -8.49 3.69 0.85
C GLY D 24 -7.92 5.06 1.17
N LEU D 25 -6.58 5.07 1.20
CA LEU D 25 -5.80 6.24 1.55
C LEU D 25 -5.73 7.24 0.40
N LEU D 26 -5.36 8.48 0.73
CA LEU D 26 -4.94 9.52 -0.19
C LEU D 26 -6.01 9.80 -1.25
N GLN D 27 -7.29 9.78 -0.89
CA GLN D 27 -8.28 9.99 -1.94
C GLN D 27 -8.41 11.47 -2.30
N SER D 28 -8.79 11.66 -3.55
CA SER D 28 -9.11 12.94 -4.17
C SER D 28 -10.56 12.90 -4.66
N PRO D 29 -11.16 14.07 -4.96
CA PRO D 29 -10.65 15.42 -4.76
C PRO D 29 -10.89 15.93 -3.35
N ILE D 30 -10.50 17.15 -3.09
CA ILE D 30 -10.54 17.76 -1.77
C ILE D 30 -10.98 19.21 -1.88
N ASP D 31 -11.40 19.73 -0.72
CA ASP D 31 -11.61 21.16 -0.55
C ASP D 31 -10.32 21.84 -0.12
N LEU D 32 -9.89 22.76 -0.96
CA LEU D 32 -8.69 23.52 -0.72
C LEU D 32 -9.06 24.71 0.16
N HIS D 33 -8.71 24.64 1.46
CA HIS D 33 -9.10 25.64 2.43
C HIS D 33 -7.97 25.87 3.41
N SER D 34 -7.99 27.06 4.04
CA SER D 34 -6.88 27.62 4.77
C SER D 34 -6.30 26.64 5.81
N ASP D 35 -7.14 25.91 6.55
CA ASP D 35 -6.66 25.10 7.65
C ASP D 35 -5.68 24.03 7.19
N ILE D 36 -5.78 23.62 5.94
CA ILE D 36 -4.97 22.51 5.45
C ILE D 36 -3.90 22.94 4.43
N LEU D 37 -3.73 24.27 4.24
CA LEU D 37 -2.72 24.81 3.31
C LEU D 37 -1.42 25.16 4.04
N GLN D 38 -0.31 25.03 3.34
CA GLN D 38 0.97 25.49 3.86
C GLN D 38 1.82 25.93 2.67
N TYR D 39 2.33 27.16 2.73
CA TYR D 39 3.28 27.64 1.72
C TYR D 39 4.54 26.81 1.73
N ASP D 40 5.02 26.50 0.53
CA ASP D 40 6.29 25.78 0.36
C ASP D 40 7.13 26.50 -0.69
N ALA D 41 8.14 27.21 -0.19
CA ALA D 41 8.97 28.08 -1.02
C ALA D 41 9.80 27.28 -2.02
N SER D 42 9.99 25.95 -1.82
CA SER D 42 10.78 25.15 -2.73
C SER D 42 9.98 24.69 -3.93
N LEU D 43 8.66 24.90 -3.95
CA LEU D 43 7.85 24.55 -5.11
C LEU D 43 8.27 25.44 -6.27
N THR D 44 8.46 24.84 -7.44
CA THR D 44 8.97 25.55 -8.60
C THR D 44 7.94 25.54 -9.72
N PRO D 45 8.02 26.52 -10.65
CA PRO D 45 7.06 26.59 -11.73
C PRO D 45 7.25 25.41 -12.67
N LEU D 46 6.12 24.84 -13.08
CA LEU D 46 6.14 23.85 -14.14
C LEU D 46 6.43 24.50 -15.49
N GLU D 47 7.10 23.72 -16.34
CA GLU D 47 7.28 24.11 -17.74
C GLU D 47 6.52 23.09 -18.59
N PHE D 48 5.82 23.55 -19.62
CA PHE D 48 4.96 22.71 -20.43
C PHE D 48 5.64 22.53 -21.80
N GLN D 49 6.15 21.33 -22.08
CA GLN D 49 6.97 21.07 -23.26
C GLN D 49 6.21 20.16 -24.23
N GLY D 50 6.24 20.47 -25.52
CA GLY D 50 5.56 19.69 -26.54
C GLY D 50 4.04 19.84 -26.51
N TYR D 51 3.53 20.89 -25.82
CA TYR D 51 2.09 21.09 -25.66
C TYR D 51 1.45 21.64 -26.94
N ASN D 52 2.29 22.18 -27.86
CA ASN D 52 1.83 22.74 -29.13
C ASN D 52 1.82 21.61 -30.16
N LEU D 53 0.77 20.82 -30.14
CA LEU D 53 0.61 19.60 -30.90
C LEU D 53 0.50 19.96 -32.39
N SER D 54 1.10 19.09 -33.20
CA SER D 54 1.14 19.34 -34.63
C SER D 54 -0.29 19.38 -35.19
N ALA D 55 -0.66 20.42 -35.94
CA ALA D 55 -1.97 20.45 -36.60
C ALA D 55 -2.08 19.42 -37.73
N ASN D 56 -0.97 18.81 -38.15
CA ASN D 56 -0.91 17.84 -39.26
C ASN D 56 -1.09 16.44 -38.66
N LYS D 57 -1.08 16.37 -37.31
CA LYS D 57 -1.41 15.14 -36.60
C LYS D 57 -2.86 15.17 -36.03
N GLN D 58 -3.36 13.99 -35.69
CA GLN D 58 -4.71 13.91 -35.15
C GLN D 58 -4.66 13.12 -33.85
N PHE D 59 -5.64 13.41 -32.97
CA PHE D 59 -5.67 12.91 -31.61
C PHE D 59 -7.11 12.43 -31.32
N LEU D 60 -7.24 11.20 -30.77
CA LEU D 60 -8.55 10.56 -30.64
C LEU D 60 -9.33 11.10 -29.44
N LEU D 61 -10.53 11.58 -29.75
CA LEU D 61 -11.52 11.98 -28.75
C LEU D 61 -12.49 10.81 -28.54
N THR D 62 -12.70 10.39 -27.27
CA THR D 62 -13.50 9.22 -26.95
C THR D 62 -14.50 9.55 -25.86
N ASN D 63 -15.76 9.13 -26.05
CA ASN D 63 -16.71 9.07 -24.97
C ASN D 63 -16.59 7.69 -24.36
N ASN D 64 -16.07 7.62 -23.12
CA ASN D 64 -15.84 6.34 -22.48
C ASN D 64 -16.98 5.97 -21.55
N GLY D 65 -18.13 6.67 -21.64
CA GLY D 65 -19.26 6.38 -20.78
C GLY D 65 -19.27 7.15 -19.47
N HIS D 66 -18.13 7.79 -19.15
CA HIS D 66 -18.00 8.50 -17.90
C HIS D 66 -17.60 9.97 -18.11
N SER D 67 -16.79 10.26 -19.14
CA SER D 67 -16.45 11.60 -19.54
C SER D 67 -16.09 11.54 -21.02
N VAL D 68 -15.66 12.69 -21.54
CA VAL D 68 -14.97 12.74 -22.82
C VAL D 68 -13.48 12.93 -22.56
N LYS D 69 -12.69 12.10 -23.23
CA LYS D 69 -11.25 12.19 -23.12
C LYS D 69 -10.65 12.42 -24.50
N LEU D 70 -9.49 13.11 -24.48
CA LEU D 70 -8.69 13.32 -25.67
C LEU D 70 -7.34 12.66 -25.41
N ASN D 71 -6.96 11.74 -26.29
CA ASN D 71 -5.68 11.10 -26.16
C ASN D 71 -4.57 12.11 -26.47
N LEU D 72 -3.46 12.02 -25.74
CA LEU D 72 -2.35 12.95 -25.89
C LEU D 72 -1.07 12.15 -26.14
N PRO D 73 -0.08 12.71 -26.85
CA PRO D 73 1.14 11.97 -27.08
C PRO D 73 2.17 12.08 -25.96
N SER D 74 3.01 11.05 -25.83
CA SER D 74 4.05 11.06 -24.81
C SER D 74 5.13 12.09 -25.10
N ASP D 75 5.12 12.68 -26.29
CA ASP D 75 6.02 13.79 -26.62
C ASP D 75 5.73 15.06 -25.84
N MET D 76 4.52 15.15 -25.33
CA MET D 76 4.07 16.24 -24.48
C MET D 76 4.54 15.89 -23.07
N HIS D 77 5.19 16.82 -22.36
CA HIS D 77 5.64 16.47 -21.02
C HIS D 77 5.78 17.71 -20.16
N ILE D 78 5.90 17.51 -18.85
CA ILE D 78 6.08 18.61 -17.95
C ILE D 78 7.44 18.46 -17.29
N GLN D 79 8.09 19.62 -17.10
CA GLN D 79 9.34 19.77 -16.37
C GLN D 79 9.00 20.48 -15.06
N GLY D 80 9.72 20.13 -13.99
CA GLY D 80 9.62 20.78 -12.70
C GLY D 80 9.17 19.84 -11.59
N LEU D 81 8.96 18.58 -11.93
CA LEU D 81 8.76 17.53 -10.93
C LEU D 81 10.05 16.69 -10.84
N GLN D 82 10.03 15.71 -9.93
CA GLN D 82 11.20 14.91 -9.57
C GLN D 82 11.64 14.03 -10.75
N SER D 83 10.66 13.68 -11.60
CA SER D 83 10.83 12.88 -12.78
C SER D 83 10.19 13.60 -13.96
N ARG D 84 10.53 13.18 -15.17
CA ARG D 84 9.76 13.58 -16.34
C ARG D 84 8.40 12.87 -16.27
N TYR D 85 7.34 13.64 -16.47
CA TYR D 85 5.99 13.10 -16.61
C TYR D 85 5.52 13.45 -18.01
N SER D 86 5.10 12.44 -18.76
CA SER D 86 4.68 12.58 -20.14
C SER D 86 3.16 12.45 -20.21
N ALA D 87 2.52 13.20 -21.12
CA ALA D 87 1.05 13.18 -21.19
C ALA D 87 0.53 11.83 -21.68
N THR D 88 -0.71 11.51 -21.24
CA THR D 88 -1.48 10.41 -21.79
C THR D 88 -2.87 10.82 -22.29
N GLN D 89 -3.57 11.70 -21.58
CA GLN D 89 -4.91 12.09 -21.99
C GLN D 89 -5.33 13.32 -21.19
N LEU D 90 -6.37 14.01 -21.70
CA LEU D 90 -7.07 14.98 -20.88
C LEU D 90 -8.57 14.65 -20.94
N HIS D 91 -9.29 15.14 -19.91
CA HIS D 91 -10.74 14.96 -19.83
C HIS D 91 -11.29 16.06 -18.96
N LEU D 92 -12.64 16.06 -18.82
CA LEU D 92 -13.35 17.10 -18.09
C LEU D 92 -14.36 16.49 -17.10
N HIS D 93 -14.75 17.34 -16.12
CA HIS D 93 -15.82 17.00 -15.18
C HIS D 93 -16.71 18.22 -15.14
N TRP D 94 -18.04 18.00 -15.02
CA TRP D 94 -19.02 19.09 -15.04
C TRP D 94 -20.29 18.69 -14.29
N GLY D 95 -21.16 19.71 -14.09
CA GLY D 95 -22.42 19.57 -13.32
C GLY D 95 -23.61 19.36 -14.24
N ASN D 96 -24.61 20.21 -14.08
CA ASN D 96 -25.84 20.06 -14.85
C ASN D 96 -26.46 21.42 -15.02
N PRO D 97 -27.39 21.57 -16.00
CA PRO D 97 -27.93 22.87 -16.30
C PRO D 97 -28.59 23.59 -15.12
N ASN D 98 -29.23 22.84 -14.23
CA ASN D 98 -29.89 23.49 -13.10
C ASN D 98 -28.94 23.84 -11.95
N ASP D 99 -27.79 23.17 -11.90
CA ASP D 99 -26.79 23.37 -10.87
C ASP D 99 -25.39 23.31 -11.51
N PRO D 100 -24.99 24.39 -12.21
CA PRO D 100 -23.81 24.35 -13.08
C PRO D 100 -22.50 24.55 -12.34
N HIS D 101 -22.27 23.67 -11.37
CA HIS D 101 -21.14 23.73 -10.46
C HIS D 101 -20.56 22.35 -10.23
N GLY D 102 -19.79 21.86 -11.21
CA GLY D 102 -19.36 20.49 -11.27
C GLY D 102 -17.85 20.30 -11.26
N SER D 103 -17.08 21.27 -10.76
CA SER D 103 -15.67 20.98 -10.53
C SER D 103 -15.55 19.85 -9.52
N GLU D 104 -14.38 19.21 -9.51
CA GLU D 104 -14.02 18.21 -8.51
C GLU D 104 -13.42 18.83 -7.26
N HIS D 105 -12.32 19.58 -7.41
CA HIS D 105 -11.81 20.34 -6.30
C HIS D 105 -12.71 21.54 -6.05
N THR D 106 -12.73 21.96 -4.79
CA THR D 106 -13.36 23.18 -4.36
C THR D 106 -12.31 24.06 -3.69
N VAL D 107 -12.59 25.36 -3.64
CA VAL D 107 -11.72 26.32 -3.00
C VAL D 107 -12.53 27.07 -1.97
N SER D 108 -12.14 26.93 -0.70
CA SER D 108 -12.91 27.54 0.39
C SER D 108 -14.40 27.22 0.25
N GLY D 109 -14.65 25.94 -0.09
CA GLY D 109 -15.98 25.37 -0.14
C GLY D 109 -16.73 25.63 -1.44
N GLN D 110 -16.15 26.41 -2.34
CA GLN D 110 -16.80 26.75 -3.57
C GLN D 110 -16.45 25.82 -4.71
N HIS D 111 -17.49 25.29 -5.35
CA HIS D 111 -17.35 24.61 -6.61
C HIS D 111 -17.24 25.63 -7.71
N PHE D 112 -16.43 25.27 -8.67
CA PHE D 112 -16.35 25.95 -9.94
C PHE D 112 -17.28 25.23 -10.92
N ALA D 113 -17.50 25.86 -12.07
CA ALA D 113 -18.42 25.35 -13.05
C ALA D 113 -18.02 23.96 -13.55
N ALA D 114 -16.69 23.78 -13.81
CA ALA D 114 -16.21 22.55 -14.39
C ALA D 114 -14.70 22.49 -14.08
N GLU D 115 -14.09 21.39 -14.47
CA GLU D 115 -12.66 21.20 -14.23
C GLU D 115 -12.08 20.38 -15.37
N LEU D 116 -10.88 20.80 -15.87
CA LEU D 116 -10.11 20.09 -16.88
C LEU D 116 -8.92 19.43 -16.19
N HIS D 117 -8.72 18.15 -16.52
CA HIS D 117 -7.58 17.36 -16.04
C HIS D 117 -6.72 16.94 -17.20
N ILE D 118 -5.42 17.23 -17.06
CA ILE D 118 -4.40 16.77 -18.02
C ILE D 118 -3.52 15.75 -17.31
N VAL D 119 -3.71 14.49 -17.69
CA VAL D 119 -3.12 13.34 -17.05
C VAL D 119 -1.77 13.03 -17.68
N HIS D 120 -0.76 12.82 -16.82
CA HIS D 120 0.61 12.46 -17.24
C HIS D 120 1.02 11.25 -16.43
N TYR D 121 2.03 10.52 -16.93
CA TYR D 121 2.62 9.40 -16.24
C TYR D 121 4.14 9.57 -16.15
N ASN D 122 4.73 8.88 -15.19
CA ASN D 122 6.16 8.95 -14.94
C ASN D 122 6.87 8.10 -15.98
N SER D 123 7.34 8.75 -17.07
CA SER D 123 8.01 8.05 -18.17
C SER D 123 9.49 7.75 -17.89
N ASP D 124 10.05 8.34 -16.80
CA ASP D 124 11.42 7.97 -16.39
C ASP D 124 11.35 6.60 -15.73
N LEU D 125 10.25 6.29 -14.99
CA LEU D 125 10.11 5.00 -14.31
C LEU D 125 9.37 3.92 -15.10
N TYR D 126 8.36 4.32 -15.90
CA TYR D 126 7.40 3.36 -16.42
C TYR D 126 7.23 3.52 -17.92
N PRO D 127 6.91 2.43 -18.64
CA PRO D 127 6.84 2.50 -20.11
C PRO D 127 5.60 3.17 -20.68
N ASP D 128 4.51 3.20 -19.89
CA ASP D 128 3.26 3.71 -20.40
C ASP D 128 2.38 4.02 -19.20
N ALA D 129 1.27 4.69 -19.47
CA ALA D 129 0.42 5.14 -18.39
C ALA D 129 -0.27 3.98 -17.69
N SER D 130 -0.66 2.95 -18.44
CA SER D 130 -1.34 1.81 -17.86
C SER D 130 -0.45 1.17 -16.78
N THR D 131 0.82 0.99 -17.12
CA THR D 131 1.74 0.39 -16.18
C THR D 131 1.97 1.29 -14.98
N ALA D 132 2.08 2.61 -15.21
CA ALA D 132 2.34 3.59 -14.15
C ALA D 132 1.18 3.69 -13.16
N SER D 133 -0.05 3.43 -13.64
CA SER D 133 -1.26 3.87 -12.96
C SER D 133 -1.35 3.34 -11.53
N ASN D 134 -0.86 2.15 -11.24
CA ASN D 134 -1.02 1.61 -9.88
C ASN D 134 0.35 1.46 -9.23
N LYS D 135 1.31 2.30 -9.63
CA LYS D 135 2.65 2.21 -9.10
C LYS D 135 3.00 3.52 -8.40
N SER D 136 3.97 3.37 -7.49
CA SER D 136 4.55 4.49 -6.79
C SER D 136 4.96 5.58 -7.77
N GLU D 137 4.60 6.81 -7.44
CA GLU D 137 4.96 7.99 -8.20
C GLU D 137 4.45 7.91 -9.64
N GLY D 138 3.35 7.21 -9.88
CA GLY D 138 3.09 6.84 -11.25
C GLY D 138 2.49 7.95 -12.10
N LEU D 139 1.63 8.80 -11.49
CA LEU D 139 0.81 9.74 -12.25
C LEU D 139 0.94 11.15 -11.70
N ALA D 140 0.78 12.11 -12.60
CA ALA D 140 0.69 13.52 -12.23
C ALA D 140 -0.40 14.13 -13.06
N VAL D 141 -1.35 14.82 -12.39
CA VAL D 141 -2.49 15.43 -13.08
C VAL D 141 -2.46 16.93 -12.83
N LEU D 142 -2.63 17.69 -13.92
CA LEU D 142 -2.80 19.12 -13.85
C LEU D 142 -4.30 19.41 -13.86
N ALA D 143 -4.75 20.26 -12.94
CA ALA D 143 -6.17 20.56 -12.85
C ALA D 143 -6.37 22.06 -13.10
N VAL D 144 -7.26 22.37 -14.05
CA VAL D 144 -7.67 23.74 -14.33
C VAL D 144 -9.13 23.90 -13.93
N LEU D 145 -9.35 24.84 -13.02
CA LEU D 145 -10.70 25.21 -12.61
C LEU D 145 -11.34 26.09 -13.67
N ILE D 146 -12.63 25.87 -13.96
CA ILE D 146 -13.31 26.57 -15.04
C ILE D 146 -14.52 27.30 -14.46
N GLU D 147 -14.62 28.59 -14.75
CA GLU D 147 -15.75 29.40 -14.36
C GLU D 147 -16.40 30.04 -15.60
N MET D 148 -17.66 30.43 -15.44
CA MET D 148 -18.42 31.05 -16.51
C MET D 148 -17.93 32.50 -16.69
N GLY D 149 -17.69 32.89 -17.94
CA GLY D 149 -17.36 34.26 -18.32
C GLY D 149 -17.28 34.41 -19.84
N SER D 150 -16.12 34.82 -20.38
CA SER D 150 -15.99 35.08 -21.80
C SER D 150 -15.89 33.76 -22.56
N PHE D 151 -16.39 33.79 -23.80
CA PHE D 151 -16.22 32.71 -24.76
C PHE D 151 -14.73 32.40 -24.88
N ASN D 152 -14.38 31.11 -24.91
CA ASN D 152 -13.00 30.65 -24.95
C ASN D 152 -12.76 29.85 -26.22
N PRO D 153 -12.12 30.48 -27.25
CA PRO D 153 -11.91 29.77 -28.51
C PRO D 153 -11.03 28.52 -28.39
N SER D 154 -10.14 28.48 -27.40
CA SER D 154 -9.27 27.35 -27.20
C SER D 154 -10.05 26.13 -26.69
N TYR D 155 -10.95 26.31 -25.71
CA TYR D 155 -11.77 25.21 -25.26
C TYR D 155 -12.75 24.77 -26.35
N ASP D 156 -13.06 25.69 -27.26
CA ASP D 156 -13.98 25.31 -28.33
C ASP D 156 -13.32 24.35 -29.32
N LYS D 157 -11.97 24.26 -29.35
CA LYS D 157 -11.29 23.29 -30.18
C LYS D 157 -11.55 21.86 -29.71
N ILE D 158 -12.03 21.67 -28.47
CA ILE D 158 -12.57 20.41 -28.00
C ILE D 158 -14.08 20.39 -28.21
N PHE D 159 -14.79 21.44 -27.73
CA PHE D 159 -16.23 21.39 -27.60
C PHE D 159 -16.87 21.26 -28.99
N SER D 160 -16.25 21.83 -30.03
CA SER D 160 -16.83 21.80 -31.36
C SER D 160 -16.91 20.40 -31.97
N HIS D 161 -16.33 19.39 -31.34
CA HIS D 161 -16.33 18.04 -31.85
C HIS D 161 -17.26 17.12 -31.05
N LEU D 162 -17.92 17.63 -29.99
CA LEU D 162 -18.63 16.77 -29.05
C LEU D 162 -19.83 16.07 -29.71
N GLN D 163 -20.44 16.64 -30.75
CA GLN D 163 -21.63 16.00 -31.30
CA GLN D 163 -21.60 16.05 -31.40
C GLN D 163 -21.22 14.74 -32.07
N HIS D 164 -19.91 14.49 -32.27
CA HIS D 164 -19.48 13.25 -32.91
C HIS D 164 -19.16 12.12 -31.92
N VAL D 165 -19.25 12.39 -30.61
CA VAL D 165 -18.99 11.39 -29.59
C VAL D 165 -20.09 11.39 -28.54
N LYS D 166 -21.35 11.51 -28.99
CA LYS D 166 -22.48 11.68 -28.09
C LYS D 166 -22.70 10.45 -27.20
N TYR D 167 -22.43 9.25 -27.71
CA TYR D 167 -22.74 8.01 -27.00
C TYR D 167 -21.47 7.26 -26.60
N LYS D 168 -21.62 6.43 -25.58
CA LYS D 168 -20.53 5.63 -25.05
C LYS D 168 -19.90 4.82 -26.18
N GLY D 169 -18.57 4.85 -26.20
CA GLY D 169 -17.77 4.08 -27.12
C GLY D 169 -17.49 4.81 -28.43
N GLN D 170 -18.19 5.90 -28.69
CA GLN D 170 -17.97 6.68 -29.91
C GLN D 170 -16.67 7.46 -29.82
N GLU D 171 -16.06 7.59 -30.99
CA GLU D 171 -14.72 8.15 -31.09
C GLU D 171 -14.63 9.04 -32.33
N ALA D 172 -13.86 10.13 -32.21
CA ALA D 172 -13.62 11.03 -33.32
C ALA D 172 -12.23 11.63 -33.20
N PHE D 173 -11.57 11.88 -34.32
CA PHE D 173 -10.27 12.50 -34.28
C PHE D 173 -10.39 14.02 -34.22
N VAL D 174 -9.44 14.64 -33.51
CA VAL D 174 -9.28 16.08 -33.41
C VAL D 174 -7.88 16.43 -33.93
N PRO D 175 -7.72 17.40 -34.86
CA PRO D 175 -6.38 17.86 -35.24
C PRO D 175 -5.62 18.44 -34.07
N GLY D 176 -4.29 18.29 -34.06
CA GLY D 176 -3.48 18.91 -33.02
C GLY D 176 -3.74 20.40 -32.88
N PHE D 177 -3.71 20.88 -31.63
CA PHE D 177 -3.73 22.29 -31.28
C PHE D 177 -2.83 22.48 -30.07
N ASN D 178 -2.62 23.76 -29.67
CA ASN D 178 -1.75 24.11 -28.55
C ASN D 178 -2.50 23.91 -27.22
N ILE D 179 -2.17 22.81 -26.54
CA ILE D 179 -2.85 22.49 -25.30
C ILE D 179 -2.59 23.53 -24.21
N GLU D 180 -1.43 24.21 -24.30
CA GLU D 180 -1.10 25.27 -23.35
C GLU D 180 -2.14 26.40 -23.33
N GLU D 181 -2.91 26.57 -24.41
CA GLU D 181 -3.98 27.57 -24.46
C GLU D 181 -5.13 27.25 -23.49
N LEU D 182 -5.21 26.01 -23.01
CA LEU D 182 -6.24 25.62 -22.04
C LEU D 182 -5.86 25.98 -20.61
N LEU D 183 -4.62 26.38 -20.36
CA LEU D 183 -4.15 26.67 -19.01
C LEU D 183 -4.44 28.12 -18.65
N PRO D 184 -4.55 28.42 -17.34
CA PRO D 184 -4.84 29.77 -16.86
C PRO D 184 -3.62 30.67 -16.74
N GLU D 185 -3.89 31.87 -16.21
CA GLU D 185 -2.86 32.85 -15.95
C GLU D 185 -2.03 32.43 -14.74
N ARG D 186 -0.76 32.89 -14.74
CA ARG D 186 0.11 32.69 -13.59
C ARG D 186 0.08 31.22 -13.15
N THR D 187 0.37 30.32 -14.13
CA THR D 187 0.51 28.92 -13.78
C THR D 187 1.52 28.69 -12.64
N ALA D 188 2.42 29.65 -12.35
CA ALA D 188 3.38 29.45 -11.26
C ALA D 188 2.68 29.31 -9.91
N GLU D 189 1.45 29.83 -9.80
CA GLU D 189 0.69 29.78 -8.56
C GLU D 189 -0.26 28.58 -8.59
N TYR D 190 -0.05 27.65 -7.64
CA TYR D 190 -0.79 26.41 -7.60
C TYR D 190 -0.81 25.82 -6.19
N TYR D 191 -1.73 24.88 -6.06
CA TYR D 191 -1.87 23.96 -4.94
C TYR D 191 -1.32 22.60 -5.36
N ARG D 192 -0.55 21.96 -4.48
CA ARG D 192 0.05 20.66 -4.77
C ARG D 192 -0.17 19.71 -3.60
N TYR D 193 -0.60 18.48 -3.92
CA TYR D 193 -0.77 17.49 -2.86
C TYR D 193 -0.74 16.10 -3.48
N ARG D 194 -0.48 15.10 -2.62
CA ARG D 194 -0.52 13.72 -3.00
C ARG D 194 -1.91 13.16 -2.84
N GLY D 195 -2.47 12.62 -3.90
CA GLY D 195 -3.82 12.07 -3.87
C GLY D 195 -3.97 10.89 -4.82
N SER D 196 -5.16 10.79 -5.40
CA SER D 196 -5.58 9.59 -6.08
C SER D 196 -6.25 9.93 -7.40
N LEU D 197 -6.47 8.87 -8.19
CA LEU D 197 -7.46 8.97 -9.26
C LEU D 197 -8.83 9.26 -8.61
N THR D 198 -9.64 10.13 -9.25
CA THR D 198 -10.97 10.45 -8.70
C THR D 198 -12.07 9.57 -9.25
N THR D 199 -11.72 8.52 -9.96
CA THR D 199 -12.60 7.52 -10.47
C THR D 199 -12.03 6.17 -10.15
N PRO D 200 -12.88 5.13 -10.14
CA PRO D 200 -12.35 3.77 -10.06
C PRO D 200 -11.22 3.59 -11.08
N PRO D 201 -10.11 2.92 -10.71
CA PRO D 201 -9.94 2.19 -9.45
C PRO D 201 -9.45 3.02 -8.26
N CYS D 202 -9.37 4.35 -8.39
CA CYS D 202 -9.05 5.23 -7.27
C CYS D 202 -7.64 5.04 -6.72
N ASN D 203 -6.68 4.63 -7.58
CA ASN D 203 -5.35 4.33 -7.11
C ASN D 203 -4.73 5.57 -6.46
N PRO D 204 -4.05 5.41 -5.32
CA PRO D 204 -3.49 6.55 -4.59
C PRO D 204 -2.11 6.93 -5.10
N THR D 205 -2.03 7.20 -6.41
CA THR D 205 -0.76 7.29 -7.14
C THR D 205 -0.59 8.60 -7.90
N VAL D 206 -1.44 9.60 -7.59
CA VAL D 206 -1.45 10.85 -8.34
C VAL D 206 -0.85 12.00 -7.54
N LEU D 207 0.13 12.68 -8.16
CA LEU D 207 0.58 13.98 -7.68
C LEU D 207 -0.28 15.04 -8.35
N TRP D 208 -1.11 15.72 -7.56
CA TRP D 208 -2.02 16.73 -8.06
C TRP D 208 -1.39 18.11 -8.03
N THR D 209 -1.60 18.86 -9.12
CA THR D 209 -1.29 20.26 -9.21
C THR D 209 -2.58 20.96 -9.67
N VAL D 210 -3.16 21.80 -8.79
CA VAL D 210 -4.38 22.53 -9.10
C VAL D 210 -3.99 23.99 -9.24
N PHE D 211 -4.15 24.57 -10.43
CA PHE D 211 -3.74 25.94 -10.60
C PHE D 211 -4.63 26.86 -9.78
N ARG D 212 -4.03 27.90 -9.23
CA ARG D 212 -4.75 28.84 -8.38
C ARG D 212 -5.81 29.61 -9.14
N ASN D 213 -5.56 29.97 -10.38
CA ASN D 213 -6.44 30.84 -11.13
C ASN D 213 -7.27 30.01 -12.10
N PRO D 214 -8.60 30.26 -12.17
CA PRO D 214 -9.44 29.58 -13.14
C PRO D 214 -9.29 30.17 -14.53
N VAL D 215 -9.81 29.43 -15.51
CA VAL D 215 -10.08 29.96 -16.83
C VAL D 215 -11.59 30.23 -16.92
N GLN D 216 -12.01 30.94 -17.97
CA GLN D 216 -13.41 31.22 -18.23
C GLN D 216 -13.82 30.59 -19.57
N ILE D 217 -15.04 30.05 -19.59
CA ILE D 217 -15.74 29.70 -20.81
C ILE D 217 -17.12 30.36 -20.72
N SER D 218 -17.85 30.50 -21.84
CA SER D 218 -19.11 31.21 -21.81
C SER D 218 -20.20 30.34 -21.23
N GLN D 219 -21.27 30.99 -20.81
CA GLN D 219 -22.50 30.30 -20.39
C GLN D 219 -22.95 29.31 -21.47
N GLU D 220 -22.82 29.69 -22.75
CA GLU D 220 -23.28 28.85 -23.85
C GLU D 220 -22.35 27.64 -23.99
N GLN D 221 -21.03 27.84 -23.85
CA GLN D 221 -20.13 26.71 -23.94
C GLN D 221 -20.37 25.71 -22.81
N LEU D 222 -20.57 26.22 -21.59
CA LEU D 222 -20.85 25.33 -20.48
C LEU D 222 -22.12 24.52 -20.72
N LEU D 223 -23.18 25.19 -21.16
CA LEU D 223 -24.43 24.48 -21.43
C LEU D 223 -24.23 23.44 -22.52
N ALA D 224 -23.49 23.77 -23.58
CA ALA D 224 -23.17 22.80 -24.62
C ALA D 224 -22.51 21.55 -24.03
N LEU D 225 -21.48 21.75 -23.19
CA LEU D 225 -20.77 20.62 -22.59
C LEU D 225 -21.72 19.77 -21.75
N GLU D 226 -22.57 20.43 -20.93
CA GLU D 226 -23.49 19.73 -20.04
C GLU D 226 -24.59 18.95 -20.78
N THR D 227 -24.86 19.31 -22.04
CA THR D 227 -26.00 18.77 -22.79
C THR D 227 -25.57 17.86 -23.95
N ALA D 228 -24.27 17.74 -24.26
CA ALA D 228 -23.86 17.09 -25.49
C ALA D 228 -23.83 15.58 -25.41
N LEU D 229 -23.55 15.03 -24.24
CA LEU D 229 -23.12 13.64 -24.18
C LEU D 229 -24.07 12.78 -23.33
N TYR D 230 -24.02 11.48 -23.63
CA TYR D 230 -24.70 10.41 -22.92
C TYR D 230 -23.70 9.36 -22.40
N CYS D 231 -24.05 8.73 -21.26
CA CYS D 231 -23.21 7.71 -20.63
C CYS D 231 -23.43 6.32 -21.23
N THR D 232 -24.43 6.21 -22.09
CA THR D 232 -24.93 4.93 -22.53
C THR D 232 -24.54 4.70 -23.99
N HIS D 233 -24.53 3.43 -24.40
CA HIS D 233 -24.35 3.09 -25.79
C HIS D 233 -25.60 3.47 -26.58
N MET D 234 -25.41 3.62 -27.88
CA MET D 234 -26.49 3.87 -28.82
C MET D 234 -27.63 2.85 -28.78
N ASP D 235 -27.38 1.62 -28.33
CA ASP D 235 -28.41 0.59 -28.34
C ASP D 235 -28.90 0.32 -26.92
N ASP D 236 -28.70 1.27 -26.00
CA ASP D 236 -29.19 1.09 -24.64
C ASP D 236 -30.63 1.59 -24.64
N PRO D 237 -31.61 0.77 -24.18
CA PRO D 237 -33.00 1.18 -24.14
C PRO D 237 -33.34 2.16 -23.01
N SER D 238 -32.36 2.36 -22.11
CA SER D 238 -32.49 3.23 -20.95
C SER D 238 -31.31 4.21 -20.97
N PRO D 239 -31.37 5.29 -21.79
CA PRO D 239 -30.25 6.22 -21.93
C PRO D 239 -30.16 7.10 -20.70
N ARG D 240 -28.91 7.45 -20.44
CA ARG D 240 -28.56 8.29 -19.33
C ARG D 240 -27.69 9.46 -19.85
N GLU D 241 -28.13 10.71 -19.63
CA GLU D 241 -27.37 11.91 -19.97
C GLU D 241 -26.11 11.98 -19.12
N MET D 242 -25.01 12.48 -19.72
CA MET D 242 -23.76 12.58 -18.99
C MET D 242 -23.68 13.95 -18.32
N ILE D 243 -24.04 13.96 -17.02
CA ILE D 243 -24.12 15.13 -16.17
C ILE D 243 -23.56 14.74 -14.81
N ASN D 244 -23.11 15.74 -14.04
CA ASN D 244 -22.71 15.55 -12.64
C ASN D 244 -21.63 14.45 -12.51
N ASN D 245 -20.65 14.47 -13.45
CA ASN D 245 -19.62 13.45 -13.52
C ASN D 245 -18.38 13.92 -12.76
N PHE D 246 -18.58 14.24 -11.49
CA PHE D 246 -17.57 14.66 -10.56
C PHE D 246 -17.71 13.88 -9.26
N ARG D 247 -16.65 13.63 -8.53
CA ARG D 247 -16.71 12.96 -7.25
C ARG D 247 -16.86 14.04 -6.17
N GLN D 248 -17.60 13.69 -5.09
CA GLN D 248 -17.65 14.53 -3.91
C GLN D 248 -16.24 14.69 -3.33
N VAL D 249 -16.01 15.79 -2.63
CA VAL D 249 -14.75 15.98 -1.92
C VAL D 249 -14.63 14.96 -0.79
N GLN D 250 -13.39 14.60 -0.50
CA GLN D 250 -13.00 13.56 0.41
C GLN D 250 -12.55 14.17 1.74
N LYS D 251 -12.61 13.39 2.82
CA LYS D 251 -11.92 13.77 4.03
C LYS D 251 -10.43 13.96 3.79
N PHE D 252 -9.86 14.90 4.53
CA PHE D 252 -8.46 15.23 4.38
C PHE D 252 -7.93 15.69 5.72
N ASP D 253 -7.45 14.74 6.50
CA ASP D 253 -7.10 14.90 7.90
C ASP D 253 -5.66 14.41 8.09
N GLU D 254 -4.90 15.14 8.90
CA GLU D 254 -3.52 14.81 9.27
C GLU D 254 -2.58 15.10 8.11
N ARG D 255 -3.07 15.81 7.09
CA ARG D 255 -2.32 16.00 5.85
C ARG D 255 -2.47 17.42 5.32
N LEU D 256 -1.53 17.77 4.41
CA LEU D 256 -1.32 19.14 4.02
C LEU D 256 -1.35 19.27 2.48
N VAL D 257 -1.91 20.37 2.05
CA VAL D 257 -1.74 20.84 0.69
C VAL D 257 -0.71 21.96 0.73
N TYR D 258 0.24 21.91 -0.20
CA TYR D 258 1.31 22.87 -0.30
C TYR D 258 1.00 23.86 -1.39
N THR D 259 1.23 25.12 -1.09
CA THR D 259 0.97 26.17 -2.07
C THR D 259 2.30 26.79 -2.50
N SER D 260 2.36 27.20 -3.79
CA SER D 260 3.54 27.87 -4.36
C SER D 260 3.43 29.38 -4.22
N PHE D 261 2.38 29.86 -3.53
CA PHE D 261 2.16 31.28 -3.30
C PHE D 261 1.88 31.48 -1.81
N SER D 262 2.34 32.60 -1.24
CA SER D 262 2.22 32.87 0.18
C SER D 262 1.00 33.74 0.49
#